data_9F3G
#
_entry.id   9F3G
#
_cell.length_a   77.501
_cell.length_b   74.116
_cell.length_c   91.632
_cell.angle_alpha   90.00
_cell.angle_beta   108.83
_cell.angle_gamma   90.00
#
_symmetry.space_group_name_H-M   'P 1 21 1'
#
loop_
_entity.id
_entity.type
_entity.pdbx_description
1 polymer 'Carbonic anhydrase 12'
2 non-polymer 'ZINC ION'
3 non-polymer 1,2-ETHANEDIOL
4 non-polymer 'DIMETHYL SULFOXIDE'
5 non-polymer 3-(cyclooctylamino)-2,6-bis(fluoranyl)-5-(4-oxidanylbutylamino)-4-[(~{E})-3-oxidanylprop-1-enyl]sulfonyl-benzenesulfonamide
6 water water
#
_entity_poly.entity_id   1
_entity_poly.type   'polypeptide(L)'
_entity_poly.pdbx_seq_one_letter_code
;MSKWTYFGPDGENSWSKKYPSCGGLLQSPIDLHSDILQYDASLTPLEFQGYNLSANKQFLLTNNGHSVKLNLPSDMHIQG
LQSRYSATQLHLHWGNPNDPHGSEHTVSGQHFAAELHIVHYNSDLYPDASTASNKSEGLAVLAVLIEMGSFNPSYDKIFS
HLQHVKYKGQEAFVPGFNIEELLPERTAEYYRYRGSLTTPPCNPTVLWTVFRNPVQISQEQLLALETALYCTHMDDPSPR
EMINNFRQVQKFDERLVYTSFSQ
;
_entity_poly.pdbx_strand_id   A,B,C,D
#
loop_
_chem_comp.id
_chem_comp.type
_chem_comp.name
_chem_comp.formula
A1H91 non-polymer 3-(cyclooctylamino)-2,6-bis(fluoranyl)-5-(4-oxidanylbutylamino)-4-[(~{E})-3-oxidanylprop-1-enyl]sulfonyl-benzenesulfonamide 'C21 H35 F2 N3 O6 S2'
DMS non-polymer 'DIMETHYL SULFOXIDE' 'C2 H6 O S'
EDO non-polymer 1,2-ETHANEDIOL 'C2 H6 O2'
ZN non-polymer 'ZINC ION' 'Zn 2'
#
# COMPACT_ATOMS: atom_id res chain seq x y z
N LYS A 3 -24.75 -18.07 16.84
CA LYS A 3 -25.43 -16.81 16.40
C LYS A 3 -25.26 -16.60 14.90
N TRP A 4 -24.10 -16.99 14.38
CA TRP A 4 -23.81 -16.73 12.98
C TRP A 4 -23.95 -18.02 12.16
N THR A 5 -24.24 -17.90 10.86
CA THR A 5 -24.40 -19.05 9.98
C THR A 5 -23.84 -18.73 8.60
N TYR A 6 -23.96 -19.69 7.66
CA TYR A 6 -23.57 -19.47 6.27
C TYR A 6 -24.79 -19.28 5.37
N PHE A 7 -25.98 -19.16 5.98
CA PHE A 7 -27.21 -19.03 5.20
C PHE A 7 -28.18 -18.05 5.86
N GLY A 8 -29.22 -17.69 5.12
CA GLY A 8 -30.39 -17.02 5.68
C GLY A 8 -30.04 -15.68 6.32
N PRO A 9 -30.78 -15.26 7.35
CA PRO A 9 -30.60 -13.93 7.94
C PRO A 9 -29.30 -13.68 8.67
N ASP A 10 -28.64 -14.75 9.11
CA ASP A 10 -27.47 -14.64 9.96
C ASP A 10 -26.20 -15.02 9.21
N GLY A 11 -26.32 -15.04 7.87
CA GLY A 11 -25.26 -15.41 6.93
C GLY A 11 -24.20 -14.33 6.80
N GLU A 12 -23.27 -14.56 5.88
CA GLU A 12 -22.01 -13.85 5.91
C GLU A 12 -22.16 -12.34 5.68
N ASN A 13 -23.19 -11.88 4.96
CA ASN A 13 -23.32 -10.43 4.79
C ASN A 13 -23.72 -9.72 6.08
N SER A 14 -24.18 -10.49 7.09
N SER A 14 -24.20 -10.48 7.09
CA SER A 14 -24.65 -9.93 8.35
CA SER A 14 -24.65 -9.90 8.34
C SER A 14 -23.63 -10.13 9.48
C SER A 14 -23.59 -10.04 9.43
N TRP A 15 -22.52 -10.83 9.22
CA TRP A 15 -21.55 -11.07 10.29
C TRP A 15 -21.03 -9.78 10.89
N SER A 16 -20.86 -8.75 10.08
CA SER A 16 -20.24 -7.52 10.55
C SER A 16 -21.05 -6.79 11.62
N LYS A 17 -22.35 -7.10 11.71
N LYS A 17 -22.34 -7.13 11.77
CA LYS A 17 -23.15 -6.50 12.76
CA LYS A 17 -23.13 -6.44 12.78
C LYS A 17 -22.55 -6.83 14.13
C LYS A 17 -22.68 -6.83 14.20
N LYS A 18 -22.46 -8.11 14.45
CA LYS A 18 -21.95 -8.53 15.74
C LYS A 18 -20.42 -8.58 15.80
N TYR A 19 -19.78 -8.74 14.64
CA TYR A 19 -18.35 -9.02 14.56
C TYR A 19 -17.74 -7.98 13.63
N PRO A 20 -17.43 -6.77 14.14
CA PRO A 20 -17.08 -5.66 13.27
C PRO A 20 -15.87 -5.94 12.37
N SER A 21 -14.94 -6.80 12.82
CA SER A 21 -13.80 -7.06 11.95
C SER A 21 -14.19 -7.73 10.62
N CYS A 22 -15.35 -8.39 10.59
CA CYS A 22 -15.80 -9.01 9.34
C CYS A 22 -16.08 -8.00 8.23
N GLY A 23 -16.20 -6.71 8.60
CA GLY A 23 -16.34 -5.63 7.63
C GLY A 23 -15.10 -4.75 7.56
N GLY A 24 -13.98 -5.21 8.16
CA GLY A 24 -12.77 -4.41 8.22
C GLY A 24 -11.78 -4.79 7.14
N LEU A 25 -10.50 -4.48 7.44
CA LEU A 25 -9.42 -4.72 6.50
C LEU A 25 -8.95 -6.17 6.52
N LEU A 26 -8.19 -6.52 5.46
CA LEU A 26 -7.37 -7.72 5.37
C LEU A 26 -8.26 -8.98 5.38
N GLN A 27 -9.48 -8.92 4.84
CA GLN A 27 -10.35 -10.09 4.93
C GLN A 27 -9.99 -11.19 3.94
N SER A 28 -10.16 -12.41 4.42
CA SER A 28 -9.98 -13.65 3.67
C SER A 28 -11.32 -14.37 3.53
N PRO A 29 -11.48 -15.29 2.57
CA PRO A 29 -10.48 -15.73 1.59
C PRO A 29 -10.46 -14.82 0.36
N ILE A 30 -9.55 -15.12 -0.56
CA ILE A 30 -9.35 -14.33 -1.76
C ILE A 30 -9.16 -15.25 -2.95
N ASP A 31 -9.26 -14.65 -4.13
CA ASP A 31 -8.90 -15.32 -5.37
C ASP A 31 -7.40 -15.17 -5.60
N LEU A 32 -6.75 -16.28 -5.83
CA LEU A 32 -5.32 -16.35 -6.15
C LEU A 32 -5.15 -16.39 -7.67
N HIS A 33 -4.73 -15.29 -8.27
CA HIS A 33 -4.71 -15.22 -9.73
C HIS A 33 -3.42 -14.52 -10.17
N SER A 34 -3.02 -14.77 -11.42
CA SER A 34 -1.69 -14.48 -11.91
CA SER A 34 -1.67 -14.47 -11.88
C SER A 34 -1.28 -13.02 -11.67
N ASP A 35 -2.20 -12.08 -11.92
CA ASP A 35 -1.89 -10.65 -11.93
C ASP A 35 -1.38 -10.15 -10.59
N ILE A 36 -1.68 -10.90 -9.52
CA ILE A 36 -1.36 -10.43 -8.18
C ILE A 36 -0.29 -11.32 -7.53
N LEU A 37 0.27 -12.28 -8.28
CA LEU A 37 1.29 -13.15 -7.67
C LEU A 37 2.68 -12.57 -7.87
N GLN A 38 3.53 -12.76 -6.87
CA GLN A 38 4.90 -12.30 -7.02
C GLN A 38 5.82 -13.26 -6.30
N TYR A 39 6.81 -13.81 -7.02
CA TYR A 39 7.78 -14.69 -6.43
C TYR A 39 8.53 -13.93 -5.33
N ASP A 40 8.75 -14.65 -4.22
CA ASP A 40 9.53 -14.11 -3.12
C ASP A 40 10.51 -15.18 -2.66
N ALA A 41 11.81 -14.97 -2.90
CA ALA A 41 12.85 -15.94 -2.59
C ALA A 41 12.97 -16.20 -1.09
N SER A 42 12.39 -15.34 -0.24
CA SER A 42 12.45 -15.55 1.20
C SER A 42 11.53 -16.67 1.66
N LEU A 43 10.68 -17.16 0.76
CA LEU A 43 9.67 -18.12 1.15
C LEU A 43 10.21 -19.55 1.02
N THR A 44 10.99 -19.90 2.03
CA THR A 44 11.67 -21.18 2.11
C THR A 44 10.70 -22.21 2.68
N PRO A 45 11.03 -23.52 2.59
CA PRO A 45 10.10 -24.56 3.00
C PRO A 45 9.84 -24.50 4.51
N LEU A 46 8.57 -24.67 4.88
CA LEU A 46 8.21 -24.87 6.26
C LEU A 46 8.59 -26.28 6.69
N GLU A 47 8.83 -26.41 7.99
CA GLU A 47 9.04 -27.71 8.59
C GLU A 47 7.90 -28.00 9.55
N PHE A 48 7.38 -29.22 9.46
CA PHE A 48 6.21 -29.62 10.20
C PHE A 48 6.66 -30.54 11.32
N GLN A 49 6.68 -30.03 12.54
CA GLN A 49 7.31 -30.72 13.68
C GLN A 49 6.23 -31.20 14.64
N GLY A 50 6.39 -32.43 15.13
CA GLY A 50 5.39 -32.99 16.03
C GLY A 50 4.07 -33.31 15.33
N TYR A 51 4.08 -33.40 13.98
CA TYR A 51 2.85 -33.74 13.25
C TYR A 51 2.52 -35.22 13.32
N ASN A 52 3.53 -36.05 13.66
CA ASN A 52 3.33 -37.49 13.71
C ASN A 52 2.74 -37.82 15.09
N LEU A 53 1.43 -37.65 15.24
CA LEU A 53 0.81 -37.75 16.56
C LEU A 53 0.83 -39.19 17.06
N SER A 54 1.11 -39.31 18.37
CA SER A 54 1.17 -40.60 19.02
C SER A 54 -0.12 -41.39 18.78
N ALA A 55 0.02 -42.61 18.26
CA ALA A 55 -1.10 -43.54 18.11
C ALA A 55 -1.68 -43.96 19.47
N ASN A 56 -0.94 -43.68 20.55
CA ASN A 56 -1.37 -44.05 21.90
C ASN A 56 -2.17 -42.93 22.55
N LYS A 57 -2.27 -41.78 21.86
CA LYS A 57 -3.01 -40.60 22.32
C LYS A 57 -4.30 -40.48 21.49
N GLN A 58 -5.32 -39.88 22.08
CA GLN A 58 -6.53 -39.60 21.32
C GLN A 58 -6.74 -38.10 21.21
N PHE A 59 -7.37 -37.70 20.09
CA PHE A 59 -7.59 -36.31 19.77
C PHE A 59 -9.08 -36.13 19.51
N LEU A 60 -9.63 -35.06 20.08
CA LEU A 60 -11.06 -34.86 20.07
C LEU A 60 -11.55 -34.28 18.75
N LEU A 61 -12.51 -34.96 18.13
CA LEU A 61 -13.22 -34.48 16.95
C LEU A 61 -14.55 -33.95 17.44
N THR A 62 -14.92 -32.77 16.94
N THR A 62 -14.92 -32.73 17.02
CA THR A 62 -16.16 -32.15 17.35
CA THR A 62 -16.20 -32.16 17.46
C THR A 62 -16.92 -31.64 16.12
C THR A 62 -16.90 -31.46 16.30
N ASN A 63 -18.24 -31.57 16.31
CA ASN A 63 -19.07 -30.80 15.42
C ASN A 63 -19.52 -29.58 16.21
N ASN A 64 -19.09 -28.39 15.79
CA ASN A 64 -19.41 -27.20 16.55
C ASN A 64 -20.54 -26.42 15.89
N GLY A 65 -21.24 -27.04 14.94
CA GLY A 65 -22.36 -26.38 14.30
C GLY A 65 -21.93 -25.62 13.04
N HIS A 66 -20.60 -25.41 12.83
CA HIS A 66 -20.07 -24.66 11.70
C HIS A 66 -19.20 -25.53 10.81
N SER A 67 -18.44 -26.46 11.41
CA SER A 67 -17.60 -27.38 10.66
C SER A 67 -17.36 -28.57 11.58
N VAL A 68 -16.55 -29.51 11.09
CA VAL A 68 -15.99 -30.56 11.93
C VAL A 68 -14.57 -30.12 12.25
N LYS A 69 -14.20 -30.22 13.54
CA LYS A 69 -12.86 -29.81 13.96
C LYS A 69 -12.19 -30.92 14.74
N LEU A 70 -10.90 -31.07 14.50
CA LEU A 70 -10.07 -31.98 15.26
C LEU A 70 -9.13 -31.16 16.13
N ASN A 71 -9.15 -31.37 17.46
CA ASN A 71 -8.23 -30.66 18.34
C ASN A 71 -6.83 -31.23 18.15
N LEU A 72 -5.85 -30.33 18.21
CA LEU A 72 -4.45 -30.71 18.00
C LEU A 72 -3.64 -30.24 19.20
N PRO A 73 -2.52 -30.95 19.49
CA PRO A 73 -1.72 -30.63 20.67
C PRO A 73 -0.70 -29.55 20.38
N SER A 74 -0.34 -28.78 21.41
CA SER A 74 0.54 -27.65 21.20
C SER A 74 1.99 -28.07 20.96
N ASP A 75 2.35 -29.36 21.14
CA ASP A 75 3.70 -29.78 20.79
C ASP A 75 3.85 -29.93 19.27
N MET A 76 2.72 -29.81 18.57
CA MET A 76 2.77 -29.82 17.13
C MET A 76 2.99 -28.38 16.66
N HIS A 77 3.97 -28.14 15.78
CA HIS A 77 4.21 -26.76 15.41
C HIS A 77 4.85 -26.64 14.04
N ILE A 78 4.76 -25.41 13.50
CA ILE A 78 5.47 -25.04 12.30
CA ILE A 78 5.45 -25.00 12.30
C ILE A 78 6.78 -24.39 12.72
N GLN A 79 7.86 -24.84 12.05
CA GLN A 79 9.16 -24.22 12.12
C GLN A 79 9.43 -23.58 10.75
N GLY A 80 10.05 -22.42 10.79
CA GLY A 80 10.44 -21.70 9.57
C GLY A 80 9.92 -20.26 9.51
N LEU A 81 8.89 -19.96 10.32
CA LEU A 81 8.44 -18.58 10.46
C LEU A 81 9.32 -17.88 11.52
N GLN A 82 9.15 -16.58 11.73
CA GLN A 82 10.00 -15.83 12.66
CA GLN A 82 10.07 -15.89 12.63
C GLN A 82 9.81 -16.36 14.08
N SER A 83 8.55 -16.68 14.40
CA SER A 83 8.17 -17.25 15.69
C SER A 83 7.72 -18.68 15.43
N ARG A 84 7.75 -19.48 16.49
CA ARG A 84 7.09 -20.78 16.48
C ARG A 84 5.57 -20.58 16.53
N TYR A 85 4.87 -21.29 15.62
CA TYR A 85 3.41 -21.33 15.64
C TYR A 85 2.97 -22.75 15.98
N SER A 86 2.26 -22.90 17.09
CA SER A 86 1.83 -24.21 17.60
C SER A 86 0.39 -24.49 17.15
N ALA A 87 0.15 -25.75 16.82
CA ALA A 87 -1.16 -26.12 16.33
C ALA A 87 -2.21 -25.99 17.44
N THR A 88 -3.45 -25.70 17.01
CA THR A 88 -4.60 -25.74 17.91
C THR A 88 -5.71 -26.64 17.38
N GLN A 89 -6.03 -26.60 16.08
CA GLN A 89 -7.10 -27.43 15.55
CA GLN A 89 -7.10 -27.43 15.55
C GLN A 89 -7.01 -27.47 14.03
N LEU A 90 -7.65 -28.46 13.42
CA LEU A 90 -7.87 -28.45 11.98
C LEU A 90 -9.36 -28.61 11.71
N HIS A 91 -9.80 -28.17 10.53
CA HIS A 91 -11.20 -28.30 10.15
C HIS A 91 -11.31 -28.14 8.63
N LEU A 92 -12.52 -28.34 8.09
CA LEU A 92 -12.71 -28.31 6.66
C LEU A 92 -13.86 -27.38 6.27
N HIS A 93 -13.86 -27.04 4.98
CA HIS A 93 -14.95 -26.26 4.36
C HIS A 93 -15.33 -26.98 3.06
N TRP A 94 -16.63 -27.00 2.75
CA TRP A 94 -17.07 -27.73 1.57
C TRP A 94 -18.38 -27.14 1.04
N GLY A 95 -18.82 -27.67 -0.11
CA GLY A 95 -20.02 -27.16 -0.79
C GLY A 95 -21.20 -28.09 -0.55
N ASN A 96 -21.75 -28.63 -1.62
CA ASN A 96 -22.90 -29.52 -1.48
C ASN A 96 -22.94 -30.45 -2.68
N PRO A 97 -23.68 -31.57 -2.64
CA PRO A 97 -23.66 -32.50 -3.77
C PRO A 97 -24.12 -31.93 -5.10
N ASN A 98 -25.00 -30.91 -5.08
CA ASN A 98 -25.45 -30.29 -6.33
C ASN A 98 -24.44 -29.31 -6.89
N ASP A 99 -23.48 -28.85 -6.08
CA ASP A 99 -22.49 -27.89 -6.50
C ASP A 99 -21.27 -28.13 -5.64
N PRO A 100 -20.50 -29.18 -5.96
CA PRO A 100 -19.45 -29.66 -5.05
C PRO A 100 -18.14 -28.90 -5.19
N HIS A 101 -18.22 -27.59 -4.94
CA HIS A 101 -17.10 -26.68 -5.18
C HIS A 101 -17.05 -25.65 -4.07
N GLY A 102 -16.65 -26.12 -2.90
CA GLY A 102 -16.78 -25.36 -1.68
C GLY A 102 -15.46 -25.01 -1.00
N SER A 103 -14.34 -24.94 -1.75
CA SER A 103 -13.15 -24.34 -1.16
C SER A 103 -13.44 -22.87 -0.80
N GLU A 104 -12.59 -22.33 0.08
CA GLU A 104 -12.66 -20.91 0.43
C GLU A 104 -11.83 -20.08 -0.54
N HIS A 105 -10.54 -20.37 -0.62
CA HIS A 105 -9.71 -19.75 -1.65
C HIS A 105 -10.09 -20.29 -3.02
N THR A 106 -9.93 -19.46 -4.02
CA THR A 106 -10.08 -19.86 -5.41
C THR A 106 -8.75 -19.63 -6.13
N VAL A 107 -8.55 -20.31 -7.27
CA VAL A 107 -7.33 -20.15 -8.04
C VAL A 107 -7.79 -19.80 -9.45
N SER A 108 -7.44 -18.61 -9.92
CA SER A 108 -7.86 -18.13 -11.23
CA SER A 108 -7.85 -18.15 -11.23
C SER A 108 -9.38 -18.22 -11.35
N GLY A 109 -10.06 -17.85 -10.26
CA GLY A 109 -11.50 -17.76 -10.20
C GLY A 109 -12.21 -19.09 -9.92
N GLN A 110 -11.46 -20.21 -9.82
CA GLN A 110 -12.07 -21.52 -9.67
C GLN A 110 -12.00 -22.05 -8.26
N HIS A 111 -13.16 -22.51 -7.78
CA HIS A 111 -13.19 -23.24 -6.52
C HIS A 111 -12.69 -24.65 -6.70
N PHE A 112 -12.04 -25.15 -5.66
CA PHE A 112 -11.81 -26.57 -5.51
C PHE A 112 -13.00 -27.18 -4.76
N ALA A 113 -13.01 -28.51 -4.66
CA ALA A 113 -14.13 -29.19 -4.04
C ALA A 113 -14.26 -28.83 -2.56
N ALA A 114 -13.12 -28.72 -1.87
CA ALA A 114 -13.16 -28.48 -0.44
C ALA A 114 -11.81 -27.88 -0.04
N GLU A 115 -11.68 -27.54 1.25
CA GLU A 115 -10.43 -26.96 1.73
C GLU A 115 -10.25 -27.35 3.19
N LEU A 116 -9.03 -27.80 3.52
CA LEU A 116 -8.63 -28.12 4.89
C LEU A 116 -7.79 -26.96 5.45
N HIS A 117 -8.08 -26.56 6.71
CA HIS A 117 -7.29 -25.55 7.39
C HIS A 117 -6.68 -26.15 8.66
N ILE A 118 -5.37 -25.96 8.81
CA ILE A 118 -4.69 -26.37 10.04
C ILE A 118 -4.28 -25.06 10.73
N VAL A 119 -4.95 -24.77 11.84
CA VAL A 119 -4.82 -23.51 12.54
C VAL A 119 -3.72 -23.60 13.60
N HIS A 120 -2.84 -22.58 13.60
CA HIS A 120 -1.74 -22.48 14.57
C HIS A 120 -1.75 -21.08 15.19
N TYR A 121 -1.18 -20.95 16.38
CA TYR A 121 -1.05 -19.66 17.02
C TYR A 121 0.40 -19.39 17.41
N ASN A 122 0.76 -18.12 17.60
CA ASN A 122 2.12 -17.73 17.95
C ASN A 122 2.37 -18.02 19.43
N SER A 123 2.96 -19.18 19.71
CA SER A 123 3.14 -19.61 21.08
C SER A 123 4.40 -18.97 21.69
N ASP A 124 5.27 -18.36 20.90
CA ASP A 124 6.37 -17.58 21.44
C ASP A 124 5.87 -16.31 22.10
N LEU A 125 4.81 -15.73 21.55
CA LEU A 125 4.36 -14.41 22.02
C LEU A 125 3.14 -14.54 22.93
N TYR A 126 2.33 -15.61 22.75
CA TYR A 126 1.02 -15.73 23.39
C TYR A 126 0.82 -17.09 24.04
N PRO A 127 0.04 -17.19 25.14
CA PRO A 127 -0.12 -18.45 25.86
C PRO A 127 -1.08 -19.50 25.30
N ASP A 128 -1.98 -19.06 24.42
CA ASP A 128 -2.97 -19.97 23.85
C ASP A 128 -3.58 -19.30 22.61
N ALA A 129 -4.30 -20.08 21.79
CA ALA A 129 -4.84 -19.56 20.55
C ALA A 129 -5.89 -18.47 20.78
N SER A 130 -6.77 -18.65 21.79
CA SER A 130 -7.80 -17.64 21.99
C SER A 130 -7.18 -16.27 22.29
N THR A 131 -6.12 -16.26 23.11
CA THR A 131 -5.45 -15.00 23.42
C THR A 131 -4.74 -14.45 22.17
N ALA A 132 -4.13 -15.33 21.37
CA ALA A 132 -3.40 -14.87 20.18
C ALA A 132 -4.31 -14.31 19.10
N SER A 133 -5.57 -14.70 19.11
CA SER A 133 -6.40 -14.59 17.92
C SER A 133 -6.65 -13.15 17.51
N ASN A 134 -6.62 -12.19 18.45
CA ASN A 134 -6.86 -10.79 18.14
C ASN A 134 -5.58 -9.97 18.27
N LYS A 135 -4.43 -10.63 18.21
CA LYS A 135 -3.18 -9.91 18.46
C LYS A 135 -2.29 -9.95 17.22
N SER A 136 -1.36 -8.98 17.18
CA SER A 136 -0.32 -8.89 16.16
C SER A 136 0.42 -10.23 16.00
N GLU A 137 0.60 -10.65 14.75
CA GLU A 137 1.31 -11.89 14.44
C GLU A 137 0.69 -13.09 15.16
N GLY A 138 -0.63 -13.05 15.40
CA GLY A 138 -1.23 -14.02 16.29
C GLY A 138 -1.35 -15.43 15.73
N LEU A 139 -1.79 -15.54 14.47
CA LEU A 139 -2.21 -16.82 13.92
C LEU A 139 -1.50 -17.14 12.60
N ALA A 140 -1.36 -18.44 12.32
CA ALA A 140 -0.88 -18.90 11.04
C ALA A 140 -1.77 -20.08 10.66
N VAL A 141 -2.31 -20.06 9.42
CA VAL A 141 -3.14 -21.15 8.98
C VAL A 141 -2.51 -21.78 7.74
N LEU A 142 -2.46 -23.11 7.71
CA LEU A 142 -2.09 -23.82 6.51
C LEU A 142 -3.37 -24.25 5.80
N ALA A 143 -3.44 -24.03 4.48
CA ALA A 143 -4.62 -24.39 3.70
C ALA A 143 -4.24 -25.39 2.62
N VAL A 144 -5.04 -26.47 2.57
CA VAL A 144 -4.87 -27.48 1.56
C VAL A 144 -6.14 -27.52 0.71
N LEU A 145 -5.96 -27.34 -0.59
CA LEU A 145 -7.04 -27.41 -1.55
C LEU A 145 -7.30 -28.87 -1.86
N ILE A 146 -8.58 -29.24 -1.94
CA ILE A 146 -9.00 -30.63 -2.11
C ILE A 146 -9.81 -30.76 -3.39
N GLU A 147 -9.47 -31.74 -4.22
CA GLU A 147 -10.23 -32.07 -5.42
C GLU A 147 -10.62 -33.53 -5.40
N MET A 148 -11.64 -33.86 -6.19
CA MET A 148 -12.09 -35.26 -6.29
C MET A 148 -11.12 -36.05 -7.17
N GLY A 149 -10.71 -37.24 -6.74
CA GLY A 149 -9.84 -38.13 -7.50
C GLY A 149 -9.75 -39.49 -6.81
N SER A 150 -8.54 -40.02 -6.62
N SER A 150 -8.52 -39.88 -6.47
CA SER A 150 -8.41 -41.32 -5.99
CA SER A 150 -8.23 -41.15 -5.81
C SER A 150 -8.70 -41.22 -4.50
C SER A 150 -8.70 -41.15 -4.37
N PHE A 151 -9.13 -42.34 -3.91
CA PHE A 151 -9.37 -42.54 -2.50
C PHE A 151 -8.10 -42.18 -1.73
N ASN A 152 -8.33 -41.48 -0.62
CA ASN A 152 -7.24 -41.00 0.20
C ASN A 152 -7.33 -41.64 1.58
N PRO A 153 -6.52 -42.68 1.87
CA PRO A 153 -6.58 -43.32 3.18
C PRO A 153 -6.34 -42.39 4.36
N SER A 154 -5.46 -41.39 4.17
CA SER A 154 -5.13 -40.50 5.27
C SER A 154 -6.33 -39.64 5.64
N TYR A 155 -7.00 -39.04 4.64
CA TYR A 155 -8.20 -38.28 4.98
C TYR A 155 -9.26 -39.17 5.62
N ASP A 156 -9.27 -40.47 5.27
CA ASP A 156 -10.28 -41.34 5.84
C ASP A 156 -10.02 -41.56 7.35
N LYS A 157 -8.82 -41.25 7.86
CA LYS A 157 -8.56 -41.33 9.29
C LYS A 157 -9.42 -40.32 10.05
N ILE A 158 -9.86 -39.27 9.35
CA ILE A 158 -10.80 -38.31 9.92
C ILE A 158 -12.21 -38.72 9.50
N PHE A 159 -12.41 -38.92 8.19
CA PHE A 159 -13.77 -39.07 7.68
C PHE A 159 -14.46 -40.30 8.24
N SER A 160 -13.73 -41.35 8.65
CA SER A 160 -14.35 -42.58 9.12
C SER A 160 -15.08 -42.32 10.44
N HIS A 161 -14.82 -41.19 11.12
CA HIS A 161 -15.46 -40.85 12.38
C HIS A 161 -16.65 -39.89 12.21
N LEU A 162 -16.94 -39.43 10.98
CA LEU A 162 -17.95 -38.38 10.81
C LEU A 162 -19.33 -38.79 11.32
N GLN A 163 -19.70 -40.07 11.18
CA GLN A 163 -21.03 -40.46 11.59
C GLN A 163 -21.22 -40.21 13.09
N HIS A 164 -20.13 -40.20 13.86
CA HIS A 164 -20.23 -40.08 15.31
C HIS A 164 -20.32 -38.62 15.73
N VAL A 165 -20.08 -37.72 14.77
CA VAL A 165 -20.19 -36.28 15.07
C VAL A 165 -21.24 -35.62 14.17
N LYS A 166 -22.31 -36.34 13.83
CA LYS A 166 -23.34 -35.87 12.91
C LYS A 166 -23.99 -34.57 13.40
N TYR A 167 -24.24 -34.45 14.71
CA TYR A 167 -25.01 -33.32 15.20
C TYR A 167 -24.15 -32.36 16.01
N LYS A 168 -24.58 -31.09 16.06
CA LYS A 168 -23.91 -30.09 16.86
C LYS A 168 -23.73 -30.58 18.29
N GLY A 169 -22.52 -30.40 18.85
CA GLY A 169 -22.25 -30.77 20.23
C GLY A 169 -21.75 -32.19 20.42
N GLN A 170 -21.80 -33.00 19.36
CA GLN A 170 -21.30 -34.36 19.44
C GLN A 170 -19.79 -34.38 19.26
N GLU A 171 -19.18 -35.41 19.85
CA GLU A 171 -17.73 -35.54 19.89
CA GLU A 171 -17.74 -35.53 19.85
C GLU A 171 -17.34 -36.99 19.64
N ALA A 172 -16.10 -37.17 19.22
CA ALA A 172 -15.56 -38.51 19.02
C ALA A 172 -14.06 -38.44 19.26
N PHE A 173 -13.43 -39.56 19.58
CA PHE A 173 -12.01 -39.57 19.81
C PHE A 173 -11.34 -40.22 18.62
N VAL A 174 -10.31 -39.54 18.11
CA VAL A 174 -9.53 -39.96 16.95
C VAL A 174 -8.14 -40.32 17.43
N PRO A 175 -7.67 -41.57 17.24
CA PRO A 175 -6.30 -41.94 17.61
C PRO A 175 -5.31 -41.15 16.77
N GLY A 176 -4.18 -40.80 17.37
CA GLY A 176 -3.18 -40.01 16.67
C GLY A 176 -2.75 -40.68 15.37
N PHE A 177 -2.50 -39.85 14.35
CA PHE A 177 -1.89 -40.29 13.11
C PHE A 177 -1.04 -39.13 12.58
N ASN A 178 -0.31 -39.39 11.49
CA ASN A 178 0.61 -38.37 11.00
C ASN A 178 -0.18 -37.34 10.17
N ILE A 179 -0.36 -36.16 10.75
CA ILE A 179 -1.10 -35.09 10.10
C ILE A 179 -0.41 -34.64 8.82
N GLU A 180 0.91 -34.80 8.71
CA GLU A 180 1.58 -34.39 7.47
C GLU A 180 1.04 -35.20 6.27
N GLU A 181 0.41 -36.35 6.52
CA GLU A 181 -0.19 -37.13 5.44
C GLU A 181 -1.36 -36.38 4.76
N LEU A 182 -1.91 -35.37 5.44
CA LEU A 182 -3.00 -34.58 4.85
C LEU A 182 -2.49 -33.50 3.92
N LEU A 183 -1.17 -33.25 3.93
CA LEU A 183 -0.59 -32.20 3.12
C LEU A 183 -0.33 -32.74 1.72
N PRO A 184 -0.34 -31.84 0.71
CA PRO A 184 -0.11 -32.24 -0.66
C PRO A 184 1.37 -32.47 -0.97
N GLU A 185 1.55 -32.85 -2.23
CA GLU A 185 2.88 -32.98 -2.78
C GLU A 185 3.52 -31.61 -2.87
N ARG A 186 4.84 -31.60 -2.67
CA ARG A 186 5.70 -30.43 -2.87
C ARG A 186 5.17 -29.28 -2.02
N THR A 187 5.16 -29.51 -0.71
CA THR A 187 4.76 -28.42 0.18
C THR A 187 5.67 -27.20 0.11
N ALA A 188 6.87 -27.34 -0.48
CA ALA A 188 7.71 -26.17 -0.73
C ALA A 188 7.02 -25.10 -1.58
N GLU A 189 6.02 -25.50 -2.38
CA GLU A 189 5.34 -24.59 -3.30
C GLU A 189 4.06 -24.10 -2.62
N TYR A 190 4.00 -22.78 -2.37
CA TYR A 190 2.84 -22.25 -1.66
C TYR A 190 2.66 -20.77 -1.99
N TYR A 191 1.44 -20.30 -1.73
CA TYR A 191 1.03 -18.90 -1.74
C TYR A 191 1.04 -18.39 -0.31
N ARG A 192 1.45 -17.13 -0.13
CA ARG A 192 1.58 -16.56 1.21
C ARG A 192 0.97 -15.15 1.18
N TYR A 193 0.12 -14.85 2.15
CA TYR A 193 -0.37 -13.47 2.28
C TYR A 193 -0.87 -13.24 3.70
N ARG A 194 -0.99 -11.98 4.08
CA ARG A 194 -1.57 -11.61 5.38
C ARG A 194 -3.06 -11.39 5.20
N GLY A 195 -3.86 -12.12 5.98
CA GLY A 195 -5.30 -11.97 5.90
C GLY A 195 -5.96 -12.21 7.25
N SER A 196 -7.12 -12.85 7.21
CA SER A 196 -7.98 -12.88 8.38
C SER A 196 -8.51 -14.29 8.61
N LEU A 197 -9.13 -14.51 9.78
CA LEU A 197 -10.04 -15.63 9.96
CA LEU A 197 -10.02 -15.65 9.94
C LEU A 197 -11.14 -15.49 8.93
N THR A 198 -11.62 -16.61 8.39
CA THR A 198 -12.71 -16.62 7.41
C THR A 198 -14.07 -16.83 8.07
N THR A 199 -14.10 -16.88 9.41
CA THR A 199 -15.33 -16.99 10.16
C THR A 199 -15.27 -15.92 11.24
N PRO A 200 -16.43 -15.51 11.78
CA PRO A 200 -16.43 -14.60 12.92
C PRO A 200 -15.49 -15.11 14.00
N PRO A 201 -14.69 -14.24 14.67
CA PRO A 201 -14.77 -12.77 14.54
C PRO A 201 -13.99 -12.12 13.39
N CYS A 202 -13.46 -12.93 12.45
CA CYS A 202 -12.82 -12.38 11.25
C CYS A 202 -11.58 -11.53 11.56
N ASN A 203 -10.86 -11.86 12.63
CA ASN A 203 -9.72 -11.03 13.03
C ASN A 203 -8.69 -11.05 11.91
N PRO A 204 -8.10 -9.87 11.61
CA PRO A 204 -7.10 -9.75 10.53
C PRO A 204 -5.69 -10.09 11.03
N THR A 205 -5.55 -11.28 11.59
CA THR A 205 -4.35 -11.64 12.35
C THR A 205 -3.73 -12.94 11.82
N VAL A 206 -4.15 -13.38 10.61
CA VAL A 206 -3.72 -14.68 10.07
C VAL A 206 -2.66 -14.49 8.99
N LEU A 207 -1.54 -15.17 9.17
CA LEU A 207 -0.59 -15.40 8.11
C LEU A 207 -1.00 -16.67 7.37
N TRP A 208 -1.45 -16.50 6.12
CA TRP A 208 -1.96 -17.63 5.33
C TRP A 208 -0.83 -18.27 4.53
N THR A 209 -0.85 -19.61 4.52
CA THR A 209 -0.01 -20.37 3.62
C THR A 209 -0.96 -21.32 2.90
N VAL A 210 -1.16 -21.11 1.59
CA VAL A 210 -2.04 -21.97 0.81
C VAL A 210 -1.15 -22.80 -0.11
N PHE A 211 -1.14 -24.11 0.10
CA PHE A 211 -0.26 -24.90 -0.75
C PHE A 211 -0.68 -24.84 -2.21
N ARG A 212 0.31 -24.86 -3.11
N ARG A 212 0.30 -24.81 -3.11
CA ARG A 212 0.05 -24.72 -4.53
CA ARG A 212 -0.02 -24.70 -4.54
C ARG A 212 -0.71 -25.93 -5.09
C ARG A 212 -0.81 -25.93 -5.00
N ASN A 213 -0.35 -27.12 -4.60
CA ASN A 213 -0.88 -28.35 -5.19
C ASN A 213 -2.04 -28.88 -4.35
N PRO A 214 -3.12 -29.36 -4.98
CA PRO A 214 -4.24 -29.93 -4.23
C PRO A 214 -3.93 -31.38 -3.84
N VAL A 215 -4.72 -31.88 -2.89
CA VAL A 215 -4.82 -33.32 -2.64
C VAL A 215 -6.08 -33.84 -3.31
N GLN A 216 -6.15 -35.17 -3.39
N GLN A 216 -6.18 -35.16 -3.45
CA GLN A 216 -7.35 -35.81 -3.87
CA GLN A 216 -7.32 -35.83 -4.07
C GLN A 216 -8.02 -36.60 -2.78
C GLN A 216 -8.00 -36.76 -3.05
N ILE A 217 -9.34 -36.65 -2.91
CA ILE A 217 -10.16 -37.60 -2.17
C ILE A 217 -11.17 -38.22 -3.14
N SER A 218 -11.73 -39.38 -2.79
CA SER A 218 -12.64 -40.03 -3.75
C SER A 218 -13.98 -39.30 -3.79
N GLN A 219 -14.65 -39.56 -4.91
CA GLN A 219 -16.10 -39.03 -4.92
C GLN A 219 -17.02 -39.51 -3.73
N GLU A 220 -16.71 -40.75 -3.26
CA GLU A 220 -17.46 -41.20 -2.09
C GLU A 220 -17.04 -40.48 -0.82
N GLN A 221 -15.75 -40.17 -0.68
CA GLN A 221 -15.28 -39.45 0.50
C GLN A 221 -15.86 -38.04 0.48
N LEU A 222 -15.84 -37.39 -0.69
CA LEU A 222 -16.37 -36.04 -0.76
C LEU A 222 -17.87 -36.01 -0.47
N LEU A 223 -18.61 -36.99 -1.01
CA LEU A 223 -20.02 -37.08 -0.73
C LEU A 223 -20.27 -37.30 0.77
N ALA A 224 -19.46 -38.15 1.43
CA ALA A 224 -19.60 -38.38 2.85
C ALA A 224 -19.43 -37.06 3.61
N LEU A 225 -18.38 -36.30 3.27
CA LEU A 225 -18.14 -35.04 3.95
C LEU A 225 -19.34 -34.11 3.78
N GLU A 226 -19.90 -34.07 2.57
CA GLU A 226 -20.96 -33.14 2.26
C GLU A 226 -22.31 -33.55 2.85
N THR A 227 -22.47 -34.83 3.26
CA THR A 227 -23.79 -35.31 3.65
C THR A 227 -23.84 -35.83 5.08
N ALA A 228 -22.69 -35.96 5.73
CA ALA A 228 -22.64 -36.65 7.03
C ALA A 228 -23.14 -35.77 8.16
N LEU A 229 -23.04 -34.43 8.00
CA LEU A 229 -23.16 -33.56 9.18
C LEU A 229 -24.34 -32.61 9.11
N TYR A 230 -24.81 -32.22 10.30
N TYR A 230 -24.90 -32.30 10.29
CA TYR A 230 -25.81 -31.19 10.51
CA TYR A 230 -25.93 -31.30 10.48
C TYR A 230 -25.23 -30.04 11.33
C TYR A 230 -25.41 -30.15 11.35
N CYS A 231 -25.79 -28.83 11.14
N CYS A 231 -25.94 -28.93 11.11
CA CYS A 231 -25.41 -27.70 11.97
CA CYS A 231 -25.52 -27.77 11.87
C CYS A 231 -26.35 -27.55 13.17
C CYS A 231 -26.16 -27.77 13.26
N THR A 232 -27.27 -28.51 13.36
CA THR A 232 -28.21 -28.45 14.45
C THR A 232 -28.00 -29.57 15.46
N HIS A 233 -28.54 -29.37 16.67
CA HIS A 233 -28.51 -30.40 17.71
C HIS A 233 -29.43 -31.54 17.31
N MET A 234 -29.12 -32.74 17.81
CA MET A 234 -29.88 -33.93 17.49
C MET A 234 -31.38 -33.75 17.72
N ASP A 235 -31.79 -33.02 18.76
CA ASP A 235 -33.21 -32.97 19.09
C ASP A 235 -33.90 -31.77 18.44
N ASP A 236 -33.19 -31.04 17.57
CA ASP A 236 -33.80 -29.90 16.91
C ASP A 236 -34.91 -30.41 16.01
N PRO A 237 -36.17 -29.93 16.17
CA PRO A 237 -37.25 -30.33 15.29
C PRO A 237 -37.16 -29.79 13.87
N SER A 238 -36.22 -28.87 13.62
CA SER A 238 -35.97 -28.31 12.30
C SER A 238 -34.50 -28.52 11.91
N PRO A 239 -34.09 -29.75 11.51
CA PRO A 239 -32.67 -30.00 11.24
C PRO A 239 -32.18 -29.20 10.04
N ARG A 240 -30.90 -28.79 10.07
CA ARG A 240 -30.23 -28.08 8.99
C ARG A 240 -28.94 -28.83 8.63
N GLU A 241 -28.82 -29.27 7.36
CA GLU A 241 -27.60 -29.91 6.88
C GLU A 241 -26.42 -28.93 6.93
N MET A 242 -25.22 -29.45 7.26
CA MET A 242 -24.01 -28.65 7.23
C MET A 242 -23.40 -28.76 5.83
N ILE A 243 -23.73 -27.77 4.98
CA ILE A 243 -23.28 -27.65 3.59
C ILE A 243 -22.89 -26.21 3.33
N ASN A 244 -22.09 -26.00 2.26
CA ASN A 244 -21.77 -24.64 1.80
C ASN A 244 -21.19 -23.80 2.94
N ASN A 245 -20.32 -24.43 3.75
CA ASN A 245 -19.75 -23.75 4.90
C ASN A 245 -18.43 -23.09 4.55
N PHE A 246 -18.46 -22.21 3.55
CA PHE A 246 -17.30 -21.47 3.09
C PHE A 246 -17.74 -20.03 2.94
N ARG A 247 -16.80 -19.10 3.09
CA ARG A 247 -17.09 -17.68 2.86
C ARG A 247 -16.80 -17.34 1.41
N GLN A 248 -17.60 -16.44 0.83
CA GLN A 248 -17.30 -15.91 -0.49
C GLN A 248 -15.97 -15.15 -0.48
N VAL A 249 -15.29 -15.13 -1.63
N VAL A 249 -15.32 -15.11 -1.65
CA VAL A 249 -14.03 -14.40 -1.70
CA VAL A 249 -14.06 -14.40 -1.83
C VAL A 249 -14.28 -12.91 -1.49
C VAL A 249 -14.26 -12.91 -1.59
N GLN A 250 -13.23 -12.30 -0.96
CA GLN A 250 -13.25 -10.89 -0.59
C GLN A 250 -12.48 -10.06 -1.61
N LYS A 251 -12.84 -8.78 -1.74
CA LYS A 251 -12.02 -7.90 -2.56
C LYS A 251 -10.60 -7.87 -1.98
N PHE A 252 -9.61 -7.77 -2.87
CA PHE A 252 -8.20 -7.78 -2.50
C PHE A 252 -7.52 -6.86 -3.53
N ASP A 253 -7.39 -5.55 -3.22
CA ASP A 253 -6.95 -4.52 -4.17
C ASP A 253 -5.65 -3.88 -3.72
N GLU A 254 -4.79 -3.61 -4.70
CA GLU A 254 -3.48 -2.99 -4.48
C GLU A 254 -2.64 -3.83 -3.53
N ARG A 255 -2.77 -5.16 -3.66
CA ARG A 255 -2.04 -6.05 -2.78
C ARG A 255 -1.48 -7.21 -3.61
N LEU A 256 -0.45 -7.86 -3.05
CA LEU A 256 0.15 -9.02 -3.68
C LEU A 256 -0.02 -10.27 -2.82
N VAL A 257 -0.09 -11.39 -3.52
CA VAL A 257 0.12 -12.68 -2.88
C VAL A 257 1.51 -13.14 -3.30
N TYR A 258 2.29 -13.52 -2.31
CA TYR A 258 3.66 -13.90 -2.59
C TYR A 258 3.69 -15.40 -2.81
N THR A 259 4.56 -15.83 -3.72
CA THR A 259 4.66 -17.24 -4.04
C THR A 259 6.09 -17.71 -3.77
N SER A 260 6.19 -18.95 -3.33
CA SER A 260 7.50 -19.56 -3.09
C SER A 260 8.05 -20.17 -4.38
N PHE A 261 7.24 -20.15 -5.42
CA PHE A 261 7.61 -20.73 -6.70
C PHE A 261 7.59 -19.63 -7.75
N SER A 262 8.46 -19.85 -8.75
N SER A 262 8.41 -19.72 -8.78
CA SER A 262 8.81 -18.88 -9.77
CA SER A 262 8.18 -18.82 -9.89
C SER A 262 8.46 -19.44 -11.14
C SER A 262 7.60 -19.65 -11.01
N GLN A 263 8.29 -20.77 -11.24
CA GLN A 263 7.90 -21.36 -12.50
CA GLN A 263 8.03 -21.63 -12.38
C GLN A 263 6.58 -22.12 -12.30
N SER B 2 -20.37 6.77 7.20
CA SER B 2 -21.55 7.48 6.63
C SER B 2 -22.12 6.67 5.46
N LYS B 3 -22.23 7.30 4.29
CA LYS B 3 -22.99 6.79 3.16
C LYS B 3 -22.32 5.52 2.60
N TRP B 4 -23.11 4.60 2.02
CA TRP B 4 -22.59 3.30 1.64
C TRP B 4 -21.59 3.50 0.51
N THR B 5 -20.60 2.61 0.47
CA THR B 5 -19.54 2.68 -0.53
C THR B 5 -19.20 1.25 -0.98
N TYR B 6 -18.16 1.15 -1.81
CA TYR B 6 -17.63 -0.14 -2.19
C TYR B 6 -16.26 -0.44 -1.55
N PHE B 7 -15.82 0.37 -0.59
CA PHE B 7 -14.48 0.23 -0.06
C PHE B 7 -14.43 0.85 1.33
N GLY B 8 -13.89 0.11 2.30
CA GLY B 8 -13.64 0.64 3.61
C GLY B 8 -14.80 0.34 4.56
N PRO B 9 -14.89 1.06 5.70
N PRO B 9 -14.94 1.17 5.62
CA PRO B 9 -15.87 0.74 6.75
CA PRO B 9 -15.85 0.89 6.74
C PRO B 9 -17.34 0.78 6.35
C PRO B 9 -17.27 0.66 6.24
N ASP B 10 -17.64 1.43 5.22
CA ASP B 10 -19.01 1.45 4.71
C ASP B 10 -19.22 0.57 3.50
N GLY B 11 -18.25 -0.31 3.22
CA GLY B 11 -18.27 -1.21 2.07
C GLY B 11 -19.25 -2.38 2.24
N GLU B 12 -19.22 -3.30 1.25
CA GLU B 12 -20.34 -4.18 1.04
C GLU B 12 -20.58 -5.14 2.19
N ASN B 13 -19.56 -5.48 2.98
CA ASN B 13 -19.80 -6.40 4.10
C ASN B 13 -20.57 -5.71 5.22
N SER B 14 -20.67 -4.39 5.16
CA SER B 14 -21.36 -3.59 6.17
C SER B 14 -22.72 -3.07 5.72
N TRP B 15 -23.09 -3.25 4.44
CA TRP B 15 -24.35 -2.73 3.93
C TRP B 15 -25.53 -3.20 4.76
N SER B 16 -25.51 -4.48 5.19
CA SER B 16 -26.64 -5.05 5.92
C SER B 16 -26.90 -4.37 7.26
N LYS B 17 -25.92 -3.62 7.79
CA LYS B 17 -26.14 -2.95 9.06
C LYS B 17 -27.22 -1.87 8.94
N LYS B 18 -27.32 -1.24 7.77
CA LYS B 18 -28.31 -0.18 7.55
C LYS B 18 -29.43 -0.64 6.61
N TYR B 19 -29.19 -1.66 5.80
CA TYR B 19 -30.08 -2.08 4.73
C TYR B 19 -30.30 -3.58 4.87
N PRO B 20 -31.29 -3.98 5.68
CA PRO B 20 -31.42 -5.39 6.02
C PRO B 20 -31.53 -6.35 4.84
N SER B 21 -32.11 -5.88 3.74
CA SER B 21 -32.30 -6.81 2.62
C SER B 21 -30.95 -7.21 2.02
N CYS B 22 -29.89 -6.42 2.22
CA CYS B 22 -28.56 -6.79 1.73
C CYS B 22 -28.04 -8.05 2.39
N GLY B 23 -28.59 -8.42 3.55
CA GLY B 23 -28.26 -9.66 4.23
C GLY B 23 -29.35 -10.72 4.10
N GLY B 24 -30.33 -10.49 3.22
CA GLY B 24 -31.46 -11.38 3.07
C GLY B 24 -31.27 -12.36 1.91
N LEU B 25 -32.39 -12.90 1.46
CA LEU B 25 -32.36 -13.90 0.40
C LEU B 25 -32.28 -13.23 -0.97
N LEU B 26 -32.05 -14.07 -1.98
CA LEU B 26 -32.19 -13.77 -3.39
C LEU B 26 -31.23 -12.67 -3.83
N GLN B 27 -30.01 -12.59 -3.25
CA GLN B 27 -29.11 -11.51 -3.58
C GLN B 27 -28.36 -11.74 -4.89
N SER B 28 -28.09 -10.62 -5.55
CA SER B 28 -27.30 -10.53 -6.77
C SER B 28 -26.05 -9.71 -6.50
N PRO B 29 -24.98 -9.81 -7.33
CA PRO B 29 -24.86 -10.72 -8.49
C PRO B 29 -24.42 -12.11 -8.09
N ILE B 30 -24.26 -12.96 -9.09
CA ILE B 30 -23.87 -14.35 -8.88
C ILE B 30 -22.89 -14.76 -9.96
N ASP B 31 -22.20 -15.87 -9.65
CA ASP B 31 -21.34 -16.53 -10.62
C ASP B 31 -22.16 -17.50 -11.44
N LEU B 32 -22.12 -17.34 -12.76
CA LEU B 32 -22.86 -18.20 -13.67
C LEU B 32 -21.96 -19.36 -14.03
N HIS B 33 -22.27 -20.57 -13.53
CA HIS B 33 -21.40 -21.73 -13.76
C HIS B 33 -22.28 -22.95 -13.95
N SER B 34 -21.70 -23.98 -14.57
CA SER B 34 -22.50 -25.07 -15.13
C SER B 34 -23.39 -25.74 -14.09
N ASP B 35 -22.92 -25.95 -12.84
CA ASP B 35 -23.66 -26.75 -11.86
C ASP B 35 -25.03 -26.14 -11.55
N ILE B 36 -25.22 -24.83 -11.79
CA ILE B 36 -26.46 -24.19 -11.38
C ILE B 36 -27.26 -23.72 -12.60
N LEU B 37 -26.85 -24.10 -13.82
CA LEU B 37 -27.56 -23.71 -15.04
C LEU B 37 -28.53 -24.82 -15.47
N GLN B 38 -29.69 -24.40 -16.00
CA GLN B 38 -30.59 -25.37 -16.59
C GLN B 38 -31.30 -24.73 -17.77
N TYR B 39 -31.28 -25.42 -18.90
CA TYR B 39 -31.97 -24.95 -20.07
C TYR B 39 -33.47 -24.89 -19.80
N ASP B 40 -34.11 -23.83 -20.31
CA ASP B 40 -35.55 -23.69 -20.24
C ASP B 40 -36.04 -23.23 -21.60
N ALA B 41 -36.71 -24.13 -22.33
CA ALA B 41 -37.19 -23.82 -23.67
C ALA B 41 -38.26 -22.72 -23.72
N SER B 42 -38.86 -22.42 -22.57
N SER B 42 -38.90 -22.41 -22.59
CA SER B 42 -39.88 -21.38 -22.51
CA SER B 42 -39.90 -21.34 -22.53
C SER B 42 -39.30 -19.97 -22.59
C SER B 42 -39.30 -19.93 -22.44
N LEU B 43 -37.98 -19.83 -22.44
CA LEU B 43 -37.32 -18.53 -22.44
C LEU B 43 -37.14 -18.07 -23.88
N THR B 44 -38.23 -17.53 -24.40
CA THR B 44 -38.28 -17.08 -25.78
C THR B 44 -37.68 -15.68 -25.90
N PRO B 45 -37.43 -15.18 -27.13
CA PRO B 45 -36.69 -13.92 -27.26
C PRO B 45 -37.48 -12.74 -26.71
N LEU B 46 -36.76 -11.81 -26.11
CA LEU B 46 -37.37 -10.54 -25.75
C LEU B 46 -37.48 -9.66 -27.00
N GLU B 47 -38.40 -8.72 -26.93
N GLU B 47 -38.49 -8.82 -27.06
CA GLU B 47 -38.57 -7.69 -27.94
CA GLU B 47 -38.44 -7.73 -28.01
C GLU B 47 -38.26 -6.32 -27.32
C GLU B 47 -38.14 -6.42 -27.29
N PHE B 48 -37.32 -5.60 -27.95
CA PHE B 48 -36.86 -4.31 -27.46
C PHE B 48 -37.63 -3.23 -28.23
N GLN B 49 -38.58 -2.55 -27.55
CA GLN B 49 -39.49 -1.62 -28.21
C GLN B 49 -39.19 -0.18 -27.78
N GLY B 50 -39.11 0.72 -28.76
CA GLY B 50 -38.82 2.12 -28.44
C GLY B 50 -37.39 2.36 -27.96
N TYR B 51 -36.47 1.43 -28.26
CA TYR B 51 -35.06 1.61 -27.88
C TYR B 51 -34.35 2.61 -28.80
N ASN B 52 -34.94 2.85 -30.00
CA ASN B 52 -34.31 3.76 -30.94
C ASN B 52 -34.66 5.20 -30.58
N LEU B 53 -33.93 5.79 -29.64
CA LEU B 53 -34.27 7.13 -29.16
C LEU B 53 -33.87 8.17 -30.22
N SER B 54 -34.75 9.18 -30.38
CA SER B 54 -34.47 10.20 -31.38
C SER B 54 -33.19 10.98 -31.07
N ALA B 55 -32.32 11.14 -32.08
CA ALA B 55 -31.09 11.91 -31.95
C ALA B 55 -31.40 13.39 -31.75
N ASN B 56 -32.63 13.81 -32.04
CA ASN B 56 -33.00 15.21 -31.86
C ASN B 56 -33.53 15.48 -30.44
N LYS B 57 -33.75 14.42 -29.66
CA LYS B 57 -34.10 14.56 -28.25
C LYS B 57 -32.83 14.36 -27.43
N GLN B 58 -32.94 14.66 -26.15
CA GLN B 58 -31.80 14.51 -25.26
C GLN B 58 -32.24 13.91 -23.93
N PHE B 59 -31.31 13.19 -23.31
CA PHE B 59 -31.62 12.35 -22.17
C PHE B 59 -30.61 12.65 -21.06
N LEU B 60 -31.10 12.70 -19.83
CA LEU B 60 -30.29 13.19 -18.71
C LEU B 60 -29.32 12.13 -18.21
N LEU B 61 -28.05 12.49 -18.19
CA LEU B 61 -26.96 11.72 -17.61
C LEU B 61 -26.62 12.32 -16.24
N THR B 62 -26.53 11.49 -15.20
CA THR B 62 -26.28 12.02 -13.86
C THR B 62 -25.23 11.15 -13.16
N ASN B 63 -24.34 11.80 -12.43
CA ASN B 63 -23.45 11.12 -11.48
C ASN B 63 -24.18 11.15 -10.15
N ASN B 64 -24.60 9.96 -9.65
CA ASN B 64 -25.37 9.93 -8.40
C ASN B 64 -24.48 9.59 -7.18
N GLY B 65 -23.17 9.64 -7.35
CA GLY B 65 -22.26 9.31 -6.26
C GLY B 65 -21.87 7.83 -6.23
N HIS B 66 -22.56 6.97 -6.99
CA HIS B 66 -22.28 5.53 -6.99
C HIS B 66 -21.95 5.01 -8.38
N SER B 67 -22.63 5.55 -9.40
CA SER B 67 -22.34 5.25 -10.80
C SER B 67 -22.72 6.47 -11.62
N VAL B 68 -22.64 6.30 -12.95
CA VAL B 68 -23.23 7.27 -13.85
C VAL B 68 -24.46 6.57 -14.41
N LYS B 69 -25.57 7.32 -14.48
CA LYS B 69 -26.80 6.78 -15.02
C LYS B 69 -27.36 7.69 -16.11
N LEU B 70 -27.99 7.06 -17.09
CA LEU B 70 -28.72 7.75 -18.13
C LEU B 70 -30.19 7.49 -17.88
N ASN B 71 -30.99 8.55 -17.77
CA ASN B 71 -32.44 8.37 -17.64
C ASN B 71 -33.01 7.96 -19.00
N LEU B 72 -33.99 7.05 -18.96
CA LEU B 72 -34.59 6.55 -20.17
C LEU B 72 -36.09 6.80 -20.12
N PRO B 73 -36.72 6.97 -21.30
CA PRO B 73 -38.15 7.32 -21.34
C PRO B 73 -39.02 6.08 -21.16
N SER B 74 -40.19 6.29 -20.59
CA SER B 74 -41.05 5.14 -20.30
C SER B 74 -41.67 4.52 -21.54
N ASP B 75 -41.62 5.21 -22.71
CA ASP B 75 -42.05 4.61 -23.98
C ASP B 75 -41.09 3.55 -24.50
N MET B 76 -39.96 3.39 -23.82
CA MET B 76 -39.03 2.31 -24.12
C MET B 76 -39.42 1.10 -23.26
N HIS B 77 -39.63 -0.06 -23.88
N HIS B 77 -39.60 -0.07 -23.91
CA HIS B 77 -40.02 -1.20 -23.04
CA HIS B 77 -40.21 -1.23 -23.27
C HIS B 77 -39.50 -2.50 -23.60
C HIS B 77 -39.46 -2.52 -23.63
N ILE B 78 -39.58 -3.51 -22.76
CA ILE B 78 -39.30 -4.88 -23.18
C ILE B 78 -40.61 -5.64 -23.17
N GLN B 79 -40.79 -6.41 -24.25
CA GLN B 79 -41.95 -7.22 -24.56
C GLN B 79 -41.48 -8.67 -24.51
N GLY B 80 -42.30 -9.52 -23.94
CA GLY B 80 -41.94 -10.93 -23.98
C GLY B 80 -42.05 -11.48 -22.58
N LEU B 81 -41.96 -10.54 -21.61
CA LEU B 81 -42.18 -10.91 -20.22
C LEU B 81 -43.70 -10.99 -19.98
N GLN B 82 -44.09 -11.41 -18.78
CA GLN B 82 -45.51 -11.66 -18.55
C GLN B 82 -46.25 -10.36 -18.23
N SER B 83 -45.49 -9.28 -18.05
CA SER B 83 -46.01 -7.92 -18.17
C SER B 83 -45.08 -7.15 -19.09
N ARG B 84 -45.53 -5.97 -19.50
CA ARG B 84 -44.63 -5.08 -20.24
C ARG B 84 -43.83 -4.34 -19.16
N TYR B 85 -42.52 -4.23 -19.38
CA TYR B 85 -41.64 -3.51 -18.47
C TYR B 85 -41.09 -2.32 -19.21
N SER B 86 -41.17 -1.14 -18.57
CA SER B 86 -40.72 0.08 -19.20
C SER B 86 -39.37 0.47 -18.61
N ALA B 87 -38.51 1.01 -19.49
CA ALA B 87 -37.19 1.43 -19.06
C ALA B 87 -37.29 2.61 -18.10
N THR B 88 -36.31 2.70 -17.20
CA THR B 88 -36.18 3.85 -16.33
C THR B 88 -34.77 4.44 -16.41
N GLN B 89 -33.72 3.62 -16.43
CA GLN B 89 -32.37 4.18 -16.49
C GLN B 89 -31.42 3.06 -16.91
N LEU B 90 -30.23 3.46 -17.37
CA LEU B 90 -29.14 2.51 -17.49
C LEU B 90 -27.96 3.06 -16.73
N HIS B 91 -27.04 2.18 -16.36
CA HIS B 91 -25.83 2.58 -15.64
C HIS B 91 -24.79 1.48 -15.80
N LEU B 92 -23.58 1.73 -15.28
CA LEU B 92 -22.47 0.78 -15.44
C LEU B 92 -21.81 0.48 -14.09
N HIS B 93 -21.04 -0.61 -14.12
CA HIS B 93 -20.17 -1.03 -13.03
C HIS B 93 -18.82 -1.34 -13.64
N TRP B 94 -17.74 -0.98 -12.95
CA TRP B 94 -16.39 -1.15 -13.50
C TRP B 94 -15.37 -1.30 -12.39
N GLY B 95 -14.11 -1.54 -12.85
CA GLY B 95 -12.99 -1.77 -11.94
C GLY B 95 -12.15 -0.50 -11.79
N ASN B 96 -10.85 -0.63 -12.11
CA ASN B 96 -9.96 0.52 -11.95
C ASN B 96 -8.86 0.42 -12.98
N PRO B 97 -8.05 1.49 -13.18
CA PRO B 97 -7.08 1.47 -14.26
C PRO B 97 -6.04 0.37 -14.17
N ASN B 98 -5.71 -0.04 -12.94
CA ASN B 98 -4.68 -1.04 -12.74
C ASN B 98 -5.29 -2.44 -12.70
N ASP B 99 -6.61 -2.56 -12.71
CA ASP B 99 -7.32 -3.83 -12.62
C ASP B 99 -8.67 -3.69 -13.31
N PRO B 100 -8.71 -3.73 -14.66
CA PRO B 100 -9.97 -3.48 -15.39
C PRO B 100 -10.83 -4.73 -15.43
N HIS B 101 -11.31 -5.18 -14.26
CA HIS B 101 -12.07 -6.42 -14.11
C HIS B 101 -13.22 -6.23 -13.13
N GLY B 102 -14.18 -5.38 -13.49
CA GLY B 102 -15.19 -4.89 -12.58
C GLY B 102 -16.63 -5.25 -12.99
N SER B 103 -16.85 -6.33 -13.76
CA SER B 103 -18.23 -6.77 -13.92
C SER B 103 -18.78 -7.25 -12.56
N GLU B 104 -20.10 -7.27 -12.45
CA GLU B 104 -20.76 -7.78 -11.27
C GLU B 104 -20.97 -9.29 -11.38
N HIS B 105 -21.70 -9.72 -12.41
CA HIS B 105 -21.80 -11.15 -12.67
C HIS B 105 -20.48 -11.66 -13.21
N THR B 106 -20.17 -12.91 -12.87
CA THR B 106 -19.00 -13.56 -13.40
C THR B 106 -19.48 -14.81 -14.14
N VAL B 107 -18.64 -15.34 -15.02
CA VAL B 107 -19.01 -16.51 -15.80
C VAL B 107 -17.90 -17.52 -15.59
N SER B 108 -18.27 -18.66 -14.99
CA SER B 108 -17.29 -19.69 -14.67
C SER B 108 -16.09 -19.07 -13.93
N GLY B 109 -16.38 -18.20 -12.96
CA GLY B 109 -15.42 -17.61 -12.05
C GLY B 109 -14.63 -16.42 -12.62
N GLN B 110 -14.91 -16.02 -13.87
N GLN B 110 -14.92 -16.01 -13.88
CA GLN B 110 -14.12 -14.94 -14.47
CA GLN B 110 -14.20 -14.94 -14.57
C GLN B 110 -14.95 -13.66 -14.51
C GLN B 110 -14.98 -13.64 -14.51
N HIS B 111 -14.31 -12.55 -14.10
CA HIS B 111 -14.86 -11.22 -14.26
C HIS B 111 -14.59 -10.74 -15.65
N PHE B 112 -15.57 -10.02 -16.13
CA PHE B 112 -15.42 -9.21 -17.32
C PHE B 112 -14.92 -7.81 -16.90
N ALA B 113 -14.57 -6.98 -17.90
CA ALA B 113 -14.04 -5.66 -17.62
C ALA B 113 -15.07 -4.79 -16.92
N ALA B 114 -16.32 -4.84 -17.36
CA ALA B 114 -17.34 -3.94 -16.88
C ALA B 114 -18.70 -4.58 -17.13
N GLU B 115 -19.78 -3.89 -16.73
CA GLU B 115 -21.12 -4.42 -16.95
C GLU B 115 -22.09 -3.25 -17.08
N LEU B 116 -22.98 -3.36 -18.07
CA LEU B 116 -24.05 -2.40 -18.27
C LEU B 116 -25.35 -3.00 -17.74
N HIS B 117 -26.13 -2.20 -16.98
CA HIS B 117 -27.47 -2.60 -16.55
C HIS B 117 -28.49 -1.63 -17.11
N ILE B 118 -29.52 -2.19 -17.77
CA ILE B 118 -30.64 -1.40 -18.25
C ILE B 118 -31.84 -1.78 -17.39
N VAL B 119 -32.24 -0.83 -16.53
CA VAL B 119 -33.25 -1.11 -15.51
C VAL B 119 -34.64 -0.76 -16.04
N HIS B 120 -35.56 -1.71 -15.87
CA HIS B 120 -36.95 -1.54 -16.25
C HIS B 120 -37.83 -1.85 -15.05
N TYR B 121 -39.05 -1.32 -15.10
CA TYR B 121 -40.01 -1.57 -14.05
C TYR B 121 -41.34 -1.98 -14.68
N ASN B 122 -42.15 -2.68 -13.89
CA ASN B 122 -43.43 -3.19 -14.39
C ASN B 122 -44.44 -2.05 -14.48
N SER B 123 -44.55 -1.45 -15.67
CA SER B 123 -45.42 -0.30 -15.90
C SER B 123 -46.87 -0.72 -16.12
N ASP B 124 -47.14 -2.02 -16.27
CA ASP B 124 -48.52 -2.51 -16.27
C ASP B 124 -49.13 -2.31 -14.88
N LEU B 125 -48.29 -2.49 -13.84
CA LEU B 125 -48.78 -2.59 -12.47
C LEU B 125 -48.44 -1.35 -11.65
N TYR B 126 -47.33 -0.66 -11.98
CA TYR B 126 -46.84 0.40 -11.10
C TYR B 126 -46.66 1.70 -11.85
N PRO B 127 -46.85 2.86 -11.18
CA PRO B 127 -46.69 4.15 -11.83
C PRO B 127 -45.26 4.66 -12.01
N ASP B 128 -44.29 3.98 -11.38
CA ASP B 128 -42.92 4.47 -11.40
C ASP B 128 -42.03 3.37 -10.86
N ALA B 129 -40.71 3.48 -11.12
CA ALA B 129 -39.77 2.44 -10.77
C ALA B 129 -39.58 2.37 -9.25
N SER B 130 -39.65 3.53 -8.57
CA SER B 130 -39.45 3.53 -7.12
C SER B 130 -40.53 2.69 -6.45
N THR B 131 -41.79 2.87 -6.88
CA THR B 131 -42.89 2.08 -6.35
C THR B 131 -42.70 0.59 -6.68
N ALA B 132 -42.30 0.29 -7.92
CA ALA B 132 -42.12 -1.09 -8.37
C ALA B 132 -41.02 -1.78 -7.57
N SER B 133 -40.01 -1.02 -7.10
CA SER B 133 -38.76 -1.58 -6.59
C SER B 133 -39.01 -2.40 -5.33
N ASN B 134 -40.15 -2.19 -4.67
N ASN B 134 -40.17 -2.19 -4.70
CA ASN B 134 -40.46 -2.89 -3.43
CA ASN B 134 -40.57 -2.81 -3.44
C ASN B 134 -41.52 -3.97 -3.65
C ASN B 134 -41.28 -4.15 -3.66
N LYS B 135 -41.71 -4.41 -4.90
CA LYS B 135 -42.73 -5.42 -5.16
C LYS B 135 -42.15 -6.62 -5.91
N SER B 136 -42.69 -7.83 -5.67
CA SER B 136 -42.17 -9.02 -6.32
C SER B 136 -42.19 -8.84 -7.84
N GLU B 137 -41.07 -9.16 -8.51
CA GLU B 137 -40.89 -9.00 -9.95
C GLU B 137 -41.28 -7.60 -10.40
N GLY B 138 -41.15 -6.61 -9.51
CA GLY B 138 -41.38 -5.21 -9.88
C GLY B 138 -40.38 -4.68 -10.90
N LEU B 139 -39.14 -5.23 -10.89
CA LEU B 139 -38.07 -4.73 -11.75
C LEU B 139 -37.57 -5.84 -12.64
N ALA B 140 -37.10 -5.46 -13.83
CA ALA B 140 -36.43 -6.37 -14.75
C ALA B 140 -35.19 -5.62 -15.19
N VAL B 141 -34.02 -6.26 -14.98
CA VAL B 141 -32.78 -5.62 -15.37
C VAL B 141 -32.12 -6.46 -16.44
N LEU B 142 -31.72 -5.80 -17.53
CA LEU B 142 -30.90 -6.44 -18.55
C LEU B 142 -29.45 -6.14 -18.25
N ALA B 143 -28.62 -7.18 -18.29
CA ALA B 143 -27.19 -7.01 -18.05
C ALA B 143 -26.40 -7.41 -19.28
N VAL B 144 -25.47 -6.52 -19.64
CA VAL B 144 -24.53 -6.78 -20.73
C VAL B 144 -23.14 -6.82 -20.13
N LEU B 145 -22.46 -7.94 -20.35
CA LEU B 145 -21.07 -8.10 -19.95
C LEU B 145 -20.19 -7.40 -20.96
N ILE B 146 -19.17 -6.69 -20.46
CA ILE B 146 -18.29 -5.85 -21.29
C ILE B 146 -16.87 -6.35 -21.16
N GLU B 147 -16.26 -6.61 -22.31
N GLU B 147 -16.25 -6.70 -22.30
CA GLU B 147 -14.89 -7.10 -22.39
CA GLU B 147 -14.86 -7.16 -22.34
C GLU B 147 -14.01 -5.99 -22.97
C GLU B 147 -14.00 -6.10 -23.02
N MET B 148 -12.73 -6.02 -22.62
CA MET B 148 -11.78 -5.14 -23.29
C MET B 148 -11.54 -5.67 -24.69
N GLY B 149 -11.71 -4.80 -25.68
CA GLY B 149 -11.59 -5.22 -27.07
C GLY B 149 -11.56 -4.01 -27.98
N SER B 150 -12.35 -4.08 -29.06
CA SER B 150 -12.42 -2.97 -30.00
C SER B 150 -13.14 -1.76 -29.41
N PHE B 151 -12.73 -0.58 -29.93
CA PHE B 151 -13.45 0.66 -29.69
C PHE B 151 -14.91 0.48 -30.09
N ASN B 152 -15.80 1.00 -29.25
CA ASN B 152 -17.24 0.83 -29.45
C ASN B 152 -17.88 2.21 -29.62
N PRO B 153 -18.23 2.64 -30.85
CA PRO B 153 -18.75 3.98 -31.05
C PRO B 153 -20.07 4.19 -30.32
N SER B 154 -20.87 3.13 -30.17
CA SER B 154 -22.16 3.25 -29.50
C SER B 154 -22.00 3.58 -28.00
N TYR B 155 -21.16 2.80 -27.32
CA TYR B 155 -20.89 3.13 -25.92
C TYR B 155 -20.24 4.51 -25.79
N ASP B 156 -19.48 4.92 -26.81
CA ASP B 156 -18.85 6.23 -26.72
C ASP B 156 -19.89 7.35 -26.74
N LYS B 157 -21.12 7.08 -27.21
CA LYS B 157 -22.17 8.08 -27.16
C LYS B 157 -22.45 8.46 -25.71
N ILE B 158 -22.22 7.55 -24.76
CA ILE B 158 -22.29 7.85 -23.34
C ILE B 158 -20.93 8.35 -22.85
N PHE B 159 -19.85 7.62 -23.13
CA PHE B 159 -18.58 7.91 -22.50
C PHE B 159 -18.02 9.27 -22.89
N SER B 160 -18.40 9.80 -24.06
CA SER B 160 -17.90 11.08 -24.52
C SER B 160 -18.42 12.22 -23.64
N HIS B 161 -19.38 11.96 -22.75
CA HIS B 161 -19.91 12.99 -21.87
C HIS B 161 -19.42 12.88 -20.41
N LEU B 162 -18.53 11.94 -20.12
CA LEU B 162 -18.10 11.70 -18.74
C LEU B 162 -17.42 12.90 -18.09
N GLN B 163 -16.65 13.71 -18.84
CA GLN B 163 -15.91 14.81 -18.22
C GLN B 163 -16.88 15.91 -17.79
N HIS B 164 -18.17 15.69 -18.05
CA HIS B 164 -19.20 16.67 -17.74
C HIS B 164 -20.11 16.26 -16.58
N VAL B 165 -19.87 15.06 -16.05
CA VAL B 165 -20.58 14.57 -14.87
C VAL B 165 -19.55 13.98 -13.90
N LYS B 166 -18.39 14.64 -13.79
N LYS B 166 -18.44 14.71 -13.78
CA LYS B 166 -17.30 14.10 -12.99
CA LYS B 166 -17.31 14.25 -13.03
C LYS B 166 -17.67 13.97 -11.52
C LYS B 166 -17.66 14.02 -11.55
N TYR B 167 -18.53 14.86 -10.99
CA TYR B 167 -18.75 14.90 -9.56
C TYR B 167 -20.20 14.56 -9.21
N LYS B 168 -20.39 14.07 -7.99
CA LYS B 168 -21.72 13.73 -7.51
CA LYS B 168 -21.71 13.75 -7.47
C LYS B 168 -22.67 14.91 -7.70
N GLY B 169 -23.86 14.58 -8.20
CA GLY B 169 -24.93 15.54 -8.38
C GLY B 169 -24.90 16.25 -9.73
N GLN B 170 -23.80 16.12 -10.48
CA GLN B 170 -23.72 16.78 -11.77
C GLN B 170 -24.58 16.04 -12.81
N GLU B 171 -25.10 16.82 -13.77
CA GLU B 171 -25.99 16.32 -14.80
C GLU B 171 -25.54 16.88 -16.16
N ALA B 172 -25.78 16.09 -17.22
CA ALA B 172 -25.47 16.49 -18.58
C ALA B 172 -26.56 15.88 -19.47
N PHE B 173 -26.68 16.38 -20.69
CA PHE B 173 -27.60 15.82 -21.67
C PHE B 173 -26.85 15.04 -22.73
N VAL B 174 -27.43 13.90 -23.07
CA VAL B 174 -26.90 13.02 -24.11
C VAL B 174 -27.94 12.97 -25.22
N PRO B 175 -27.58 13.30 -26.48
CA PRO B 175 -28.55 13.12 -27.56
C PRO B 175 -29.01 11.65 -27.65
N GLY B 176 -30.26 11.45 -28.06
CA GLY B 176 -30.77 10.11 -28.23
C GLY B 176 -29.95 9.31 -29.23
N PHE B 177 -29.90 8.00 -28.97
CA PHE B 177 -29.33 7.07 -29.93
C PHE B 177 -30.06 5.75 -29.73
N ASN B 178 -29.76 4.80 -30.61
CA ASN B 178 -30.43 3.52 -30.52
C ASN B 178 -29.77 2.68 -29.43
N ILE B 179 -30.47 2.53 -28.31
CA ILE B 179 -29.95 1.79 -27.16
C ILE B 179 -29.70 0.34 -27.52
N GLU B 180 -30.40 -0.21 -28.49
CA GLU B 180 -30.13 -1.60 -28.87
CA GLU B 180 -30.14 -1.59 -28.92
C GLU B 180 -28.69 -1.78 -29.36
N GLU B 181 -28.02 -0.70 -29.77
CA GLU B 181 -26.61 -0.77 -30.16
C GLU B 181 -25.71 -1.15 -28.99
N LEU B 182 -26.20 -1.00 -27.76
CA LEU B 182 -25.40 -1.36 -26.58
C LEU B 182 -25.50 -2.86 -26.28
N LEU B 183 -26.45 -3.56 -26.91
CA LEU B 183 -26.69 -4.97 -26.65
C LEU B 183 -25.75 -5.80 -27.51
N PRO B 184 -25.43 -7.03 -27.06
CA PRO B 184 -24.54 -7.90 -27.83
C PRO B 184 -25.25 -8.65 -28.92
N GLU B 185 -24.44 -9.46 -29.60
CA GLU B 185 -24.93 -10.40 -30.60
CA GLU B 185 -24.95 -10.39 -30.60
C GLU B 185 -25.79 -11.47 -29.93
N ARG B 186 -26.81 -11.92 -30.67
CA ARG B 186 -27.64 -13.06 -30.32
C ARG B 186 -28.29 -12.80 -28.97
N THR B 187 -29.05 -11.71 -28.89
CA THR B 187 -29.75 -11.43 -27.66
C THR B 187 -30.76 -12.52 -27.29
N ALA B 188 -31.12 -13.40 -28.24
CA ALA B 188 -31.96 -14.52 -27.90
C ALA B 188 -31.32 -15.43 -26.87
N GLU B 189 -29.99 -15.41 -26.74
CA GLU B 189 -29.27 -16.27 -25.81
C GLU B 189 -28.99 -15.51 -24.52
N TYR B 190 -29.57 -15.97 -23.41
CA TYR B 190 -29.45 -15.25 -22.16
C TYR B 190 -29.62 -16.23 -21.00
N TYR B 191 -29.17 -15.73 -19.83
CA TYR B 191 -29.38 -16.34 -18.53
C TYR B 191 -30.50 -15.56 -17.84
N ARG B 192 -31.35 -16.28 -17.10
CA ARG B 192 -32.48 -15.67 -16.40
C ARG B 192 -32.55 -16.19 -14.99
N TYR B 193 -32.69 -15.29 -14.00
CA TYR B 193 -32.81 -15.76 -12.64
C TYR B 193 -33.49 -14.67 -11.80
N ARG B 194 -34.01 -15.08 -10.66
CA ARG B 194 -34.61 -14.17 -9.70
C ARG B 194 -33.55 -13.68 -8.72
N GLY B 195 -33.39 -12.36 -8.62
CA GLY B 195 -32.41 -11.82 -7.71
C GLY B 195 -32.83 -10.47 -7.18
N SER B 196 -31.80 -9.64 -7.01
CA SER B 196 -31.97 -8.42 -6.22
C SER B 196 -31.31 -7.24 -6.92
N LEU B 197 -31.58 -6.05 -6.39
CA LEU B 197 -30.67 -4.92 -6.63
C LEU B 197 -29.29 -5.30 -6.12
N THR B 198 -28.23 -4.89 -6.83
CA THR B 198 -26.86 -5.17 -6.40
C THR B 198 -26.29 -4.07 -5.51
N THR B 199 -27.11 -3.08 -5.16
CA THR B 199 -26.69 -2.00 -4.29
C THR B 199 -27.78 -1.83 -3.25
N PRO B 200 -27.47 -1.20 -2.10
CA PRO B 200 -28.52 -0.87 -1.14
C PRO B 200 -29.64 -0.16 -1.88
N PRO B 201 -30.92 -0.41 -1.55
N PRO B 201 -30.92 -0.42 -1.52
CA PRO B 201 -31.35 -1.28 -0.44
CA PRO B 201 -31.29 -1.29 -0.39
C PRO B 201 -31.46 -2.78 -0.73
C PRO B 201 -31.36 -2.80 -0.67
N CYS B 202 -30.89 -3.24 -1.85
CA CYS B 202 -30.73 -4.68 -2.13
C CYS B 202 -32.07 -5.43 -2.22
N ASN B 203 -33.13 -4.72 -2.64
N ASN B 203 -33.15 -4.72 -2.59
CA ASN B 203 -34.47 -5.29 -2.72
CA ASN B 203 -34.47 -5.34 -2.60
C ASN B 203 -34.47 -6.57 -3.55
C ASN B 203 -34.46 -6.57 -3.51
N PRO B 204 -35.02 -7.70 -3.05
CA PRO B 204 -35.05 -8.94 -3.84
C PRO B 204 -36.19 -9.01 -4.84
N THR B 205 -36.23 -8.03 -5.75
CA THR B 205 -37.40 -7.77 -6.56
C THR B 205 -37.05 -7.72 -8.06
N VAL B 206 -35.88 -8.25 -8.43
CA VAL B 206 -35.39 -8.10 -9.80
C VAL B 206 -35.45 -9.44 -10.53
N LEU B 207 -36.07 -9.42 -11.71
CA LEU B 207 -35.89 -10.47 -12.69
CA LEU B 207 -35.89 -10.48 -12.70
C LEU B 207 -34.70 -10.12 -13.57
N TRP B 208 -33.60 -10.89 -13.42
CA TRP B 208 -32.37 -10.61 -14.15
C TRP B 208 -32.38 -11.34 -15.49
N THR B 209 -31.90 -10.65 -16.53
CA THR B 209 -31.57 -11.27 -17.80
C THR B 209 -30.14 -10.85 -18.10
N VAL B 210 -29.20 -11.83 -18.10
CA VAL B 210 -27.82 -11.52 -18.43
C VAL B 210 -27.57 -12.11 -19.81
N PHE B 211 -27.23 -11.27 -20.79
CA PHE B 211 -27.01 -11.85 -22.12
C PHE B 211 -25.79 -12.76 -22.15
N ARG B 212 -25.87 -13.82 -22.94
CA ARG B 212 -24.78 -14.78 -22.98
C ARG B 212 -23.49 -14.14 -23.52
N ASN B 213 -23.59 -13.32 -24.57
CA ASN B 213 -22.41 -12.84 -25.26
C ASN B 213 -22.06 -11.47 -24.75
N PRO B 214 -20.75 -11.19 -24.54
CA PRO B 214 -20.34 -9.85 -24.15
C PRO B 214 -20.27 -8.92 -25.36
N VAL B 215 -20.18 -7.62 -25.07
CA VAL B 215 -19.73 -6.63 -26.04
C VAL B 215 -18.30 -6.22 -25.72
N GLN B 216 -17.66 -5.50 -26.65
CA GLN B 216 -16.31 -4.97 -26.45
C GLN B 216 -16.33 -3.46 -26.39
N ILE B 217 -15.50 -2.92 -25.49
CA ILE B 217 -15.11 -1.52 -25.54
C ILE B 217 -13.58 -1.49 -25.42
N SER B 218 -12.95 -0.39 -25.83
CA SER B 218 -11.48 -0.42 -25.88
C SER B 218 -10.87 -0.17 -24.51
N GLN B 219 -9.56 -0.44 -24.45
CA GLN B 219 -8.78 -0.10 -23.26
C GLN B 219 -8.90 1.39 -22.96
N GLU B 220 -8.88 2.23 -24.00
CA GLU B 220 -8.92 3.67 -23.79
C GLU B 220 -10.30 4.09 -23.27
N GLN B 221 -11.38 3.44 -23.74
CA GLN B 221 -12.72 3.72 -23.23
C GLN B 221 -12.80 3.30 -21.77
N LEU B 222 -12.27 2.10 -21.45
CA LEU B 222 -12.29 1.68 -20.06
C LEU B 222 -11.50 2.65 -19.18
N LEU B 223 -10.32 3.10 -19.66
CA LEU B 223 -9.50 3.99 -18.85
C LEU B 223 -10.24 5.29 -18.60
N ALA B 224 -10.93 5.83 -19.63
CA ALA B 224 -11.72 7.05 -19.42
C ALA B 224 -12.79 6.81 -18.36
N LEU B 225 -13.55 5.71 -18.51
CA LEU B 225 -14.59 5.39 -17.53
C LEU B 225 -14.03 5.28 -16.10
N GLU B 226 -12.85 4.67 -15.97
CA GLU B 226 -12.23 4.39 -14.67
C GLU B 226 -11.51 5.60 -14.07
N THR B 227 -11.31 6.68 -14.84
CA THR B 227 -10.56 7.82 -14.35
C THR B 227 -11.40 9.09 -14.31
N ALA B 228 -12.56 9.14 -14.96
CA ALA B 228 -13.27 10.39 -15.13
C ALA B 228 -14.07 10.81 -13.90
N LEU B 229 -14.49 9.85 -13.08
CA LEU B 229 -15.61 10.10 -12.18
C LEU B 229 -15.19 10.01 -10.71
N TYR B 230 -15.89 10.80 -9.90
CA TYR B 230 -15.75 10.84 -8.45
C TYR B 230 -17.09 10.54 -7.80
N CYS B 231 -17.03 9.86 -6.66
CA CYS B 231 -18.20 9.59 -5.85
C CYS B 231 -18.64 10.83 -5.07
N THR B 232 -17.77 11.82 -4.97
CA THR B 232 -17.94 12.96 -4.07
C THR B 232 -18.30 14.22 -4.85
N HIS B 233 -18.88 15.19 -4.13
CA HIS B 233 -19.17 16.49 -4.70
C HIS B 233 -17.90 17.24 -5.14
N MET B 234 -18.07 18.16 -6.06
N MET B 234 -18.04 18.13 -6.11
CA MET B 234 -16.97 18.96 -6.60
CA MET B 234 -16.91 18.90 -6.60
C MET B 234 -16.18 19.69 -5.51
C MET B 234 -16.14 19.59 -5.46
N ASP B 235 -16.84 20.06 -4.41
CA ASP B 235 -16.17 20.83 -3.37
C ASP B 235 -15.76 19.96 -2.18
N ASP B 236 -15.81 18.63 -2.29
CA ASP B 236 -15.55 17.80 -1.12
C ASP B 236 -14.05 17.82 -0.82
N PRO B 237 -13.64 18.10 0.44
CA PRO B 237 -12.22 18.08 0.79
C PRO B 237 -11.62 16.67 0.95
N SER B 238 -12.46 15.63 0.82
N SER B 238 -12.48 15.64 0.90
CA SER B 238 -12.00 14.25 0.93
CA SER B 238 -12.04 14.25 0.92
C SER B 238 -12.46 13.46 -0.30
C SER B 238 -12.56 13.55 -0.33
N PRO B 239 -11.98 13.82 -1.51
CA PRO B 239 -12.50 13.21 -2.73
C PRO B 239 -12.28 11.71 -2.75
N ARG B 240 -13.21 11.02 -3.41
CA ARG B 240 -13.13 9.58 -3.58
C ARG B 240 -13.36 9.26 -5.05
N GLU B 241 -12.42 8.59 -5.69
CA GLU B 241 -12.58 8.18 -7.08
C GLU B 241 -13.69 7.14 -7.18
N MET B 242 -14.47 7.23 -8.26
CA MET B 242 -15.50 6.25 -8.54
C MET B 242 -14.89 5.08 -9.34
N ILE B 243 -14.43 4.07 -8.58
CA ILE B 243 -13.76 2.90 -9.10
C ILE B 243 -14.29 1.70 -8.34
N ASN B 244 -14.12 0.53 -8.96
CA ASN B 244 -14.42 -0.72 -8.27
C ASN B 244 -15.83 -0.73 -7.69
N ASN B 245 -16.78 -0.22 -8.49
CA ASN B 245 -18.17 -0.09 -8.05
C ASN B 245 -19.00 -1.32 -8.44
N PHE B 246 -18.51 -2.48 -8.02
CA PHE B 246 -19.20 -3.74 -8.26
C PHE B 246 -19.25 -4.50 -6.95
N ARG B 247 -20.34 -5.25 -6.75
CA ARG B 247 -20.47 -6.11 -5.58
C ARG B 247 -19.87 -7.47 -5.87
N GLN B 248 -19.27 -8.09 -4.84
CA GLN B 248 -18.86 -9.50 -4.96
C GLN B 248 -20.05 -10.41 -5.24
N VAL B 249 -19.80 -11.54 -5.88
CA VAL B 249 -20.86 -12.50 -6.12
C VAL B 249 -21.36 -13.08 -4.79
N GLN B 250 -22.62 -13.50 -4.81
CA GLN B 250 -23.39 -13.94 -3.65
C GLN B 250 -23.63 -15.46 -3.67
N LYS B 251 -23.82 -16.04 -2.48
CA LYS B 251 -24.23 -17.44 -2.43
C LYS B 251 -25.51 -17.63 -3.23
N PHE B 252 -25.65 -18.82 -3.83
CA PHE B 252 -26.84 -19.03 -4.63
C PHE B 252 -28.10 -19.44 -3.84
N ASP B 253 -27.95 -19.98 -2.61
CA ASP B 253 -29.10 -20.24 -1.75
C ASP B 253 -30.17 -21.11 -2.42
N GLU B 254 -29.71 -22.13 -3.18
CA GLU B 254 -30.58 -23.16 -3.75
C GLU B 254 -31.22 -22.72 -5.07
N ARG B 255 -30.90 -21.53 -5.53
CA ARG B 255 -31.53 -21.08 -6.78
C ARG B 255 -30.86 -21.71 -8.01
N LEU B 256 -31.59 -21.96 -9.09
CA LEU B 256 -31.01 -22.24 -10.39
C LEU B 256 -31.08 -20.99 -11.28
N VAL B 257 -30.20 -20.98 -12.27
CA VAL B 257 -30.24 -20.01 -13.34
C VAL B 257 -30.71 -20.73 -14.58
N TYR B 258 -31.71 -20.16 -15.25
CA TYR B 258 -32.30 -20.79 -16.42
C TYR B 258 -31.72 -20.16 -17.68
N THR B 259 -31.42 -20.98 -18.68
CA THR B 259 -30.79 -20.49 -19.89
C THR B 259 -31.70 -20.69 -21.09
N SER B 260 -31.67 -19.72 -22.01
CA SER B 260 -32.45 -19.83 -23.24
C SER B 260 -31.69 -20.62 -24.31
N PHE B 261 -30.48 -21.06 -24.00
CA PHE B 261 -29.61 -21.79 -24.90
C PHE B 261 -29.29 -23.11 -24.22
N SER B 262 -29.22 -24.19 -25.00
CA SER B 262 -29.04 -25.49 -24.36
C SER B 262 -27.58 -25.90 -24.36
N GLN B 263 -26.78 -25.20 -25.16
CA GLN B 263 -25.36 -25.51 -25.39
C GLN B 263 -24.75 -24.28 -26.06
N TRP C 4 11.88 10.55 22.24
CA TRP C 4 12.18 10.75 20.77
C TRP C 4 12.01 9.46 19.98
N THR C 5 11.74 9.61 18.69
CA THR C 5 11.49 8.49 17.79
C THR C 5 12.12 8.79 16.44
N TYR C 6 11.96 7.86 15.49
CA TYR C 6 12.32 8.10 14.09
C TYR C 6 11.07 8.29 13.22
N PHE C 7 9.89 8.34 13.84
CA PHE C 7 8.63 8.39 13.09
C PHE C 7 7.73 9.48 13.67
N GLY C 8 6.56 9.68 13.03
CA GLY C 8 5.50 10.55 13.53
C GLY C 8 5.99 11.92 14.00
N PRO C 9 5.35 12.50 15.05
CA PRO C 9 5.65 13.86 15.49
C PRO C 9 6.84 14.01 16.43
N ASP C 10 7.41 12.89 16.91
CA ASP C 10 8.55 12.93 17.80
C ASP C 10 9.84 12.54 17.07
N GLY C 11 9.75 12.51 15.72
CA GLY C 11 10.81 12.14 14.78
C GLY C 11 11.87 13.22 14.61
N GLU C 12 12.79 12.95 13.67
CA GLU C 12 14.08 13.63 13.69
C GLU C 12 13.97 15.14 13.50
N ASN C 13 12.99 15.62 12.72
CA ASN C 13 12.89 17.05 12.55
C ASN C 13 12.48 17.77 13.83
N SER C 14 11.95 17.00 14.81
N SER C 14 11.94 17.05 14.83
CA SER C 14 11.49 17.56 16.07
CA SER C 14 11.55 17.70 16.07
C SER C 14 12.53 17.44 17.19
C SER C 14 12.52 17.44 17.21
N TRP C 15 13.60 16.68 16.97
CA TRP C 15 14.57 16.42 18.03
C TRP C 15 15.09 17.72 18.65
N SER C 16 15.31 18.77 17.82
CA SER C 16 15.97 19.97 18.30
C SER C 16 15.16 20.70 19.36
N LYS C 17 13.86 20.39 19.49
CA LYS C 17 13.05 21.05 20.50
C LYS C 17 13.60 20.72 21.90
N LYS C 18 13.77 19.43 22.18
CA LYS C 18 14.27 19.01 23.48
C LYS C 18 15.79 18.89 23.53
N TYR C 19 16.41 18.72 22.38
CA TYR C 19 17.83 18.42 22.28
C TYR C 19 18.47 19.43 21.34
N PRO C 20 18.78 20.64 21.86
CA PRO C 20 19.18 21.72 20.98
C PRO C 20 20.37 21.41 20.07
N SER C 21 21.29 20.54 20.48
CA SER C 21 22.43 20.24 19.64
C SER C 21 22.00 19.58 18.33
N CYS C 22 20.80 18.97 18.27
CA CYS C 22 20.35 18.36 17.03
C CYS C 22 20.12 19.37 15.91
N GLY C 23 20.01 20.66 16.28
CA GLY C 23 19.88 21.73 15.30
C GLY C 23 21.16 22.58 15.23
N GLY C 24 22.27 22.08 15.82
CA GLY C 24 23.49 22.87 15.88
C GLY C 24 24.51 22.46 14.83
N LEU C 25 25.78 22.74 15.15
CA LEU C 25 26.89 22.46 14.24
C LEU C 25 27.28 20.97 14.27
N LEU C 26 28.06 20.63 13.24
CA LEU C 26 28.84 19.41 13.12
C LEU C 26 27.92 18.17 13.10
N GLN C 27 26.69 18.25 12.54
CA GLN C 27 25.78 17.12 12.62
C GLN C 27 26.14 16.03 11.62
N SER C 28 25.94 14.80 12.10
CA SER C 28 26.09 13.57 11.36
C SER C 28 24.73 12.90 11.18
N PRO C 29 24.55 11.95 10.23
CA PRO C 29 25.56 11.48 9.28
C PRO C 29 25.58 12.40 8.04
N ILE C 30 26.47 12.06 7.12
CA ILE C 30 26.71 12.85 5.91
C ILE C 30 26.89 11.91 4.73
N ASP C 31 26.81 12.52 3.55
CA ASP C 31 27.14 11.86 2.29
C ASP C 31 28.63 11.99 2.03
N LEU C 32 29.27 10.86 1.76
CA LEU C 32 30.70 10.81 1.46
C LEU C 32 30.87 10.73 -0.05
N HIS C 33 31.37 11.79 -0.68
CA HIS C 33 31.42 11.87 -2.13
C HIS C 33 32.72 12.53 -2.57
N SER C 34 33.14 12.29 -3.82
CA SER C 34 34.51 12.53 -4.23
C SER C 34 34.95 13.98 -4.01
N ASP C 35 34.05 14.95 -4.27
CA ASP C 35 34.42 16.36 -4.32
C ASP C 35 34.84 16.89 -2.95
N ILE C 36 34.47 16.17 -1.86
CA ILE C 36 34.80 16.65 -0.54
C ILE C 36 35.84 15.76 0.14
N LEU C 37 36.41 14.79 -0.57
CA LEU C 37 37.42 13.93 0.06
C LEU C 37 38.82 14.51 -0.12
N GLN C 38 39.67 14.34 0.89
CA GLN C 38 41.06 14.77 0.78
C GLN C 38 41.93 13.75 1.51
N TYR C 39 42.92 13.21 0.80
CA TYR C 39 43.88 12.35 1.47
C TYR C 39 44.59 13.11 2.59
N ASP C 40 44.80 12.42 3.71
CA ASP C 40 45.49 12.97 4.86
C ASP C 40 46.51 11.92 5.35
N ALA C 41 47.80 12.27 5.26
CA ALA C 41 48.86 11.35 5.64
C ALA C 41 48.87 11.03 7.14
N SER C 42 48.16 11.80 7.96
CA SER C 42 48.13 11.54 9.38
C SER C 42 47.31 10.30 9.71
N LEU C 43 46.52 9.78 8.75
CA LEU C 43 45.47 8.81 9.09
C LEU C 43 46.05 7.41 8.97
N THR C 44 46.89 7.11 9.95
CA THR C 44 47.57 5.83 10.01
C THR C 44 46.61 4.75 10.52
N PRO C 45 46.96 3.45 10.43
CA PRO C 45 46.02 2.40 10.87
C PRO C 45 45.71 2.46 12.36
N LEU C 46 44.45 2.25 12.72
CA LEU C 46 44.03 2.06 14.10
C LEU C 46 44.34 0.63 14.53
N GLU C 47 44.52 0.47 15.83
CA GLU C 47 44.64 -0.84 16.45
C GLU C 47 43.46 -1.07 17.39
N PHE C 48 42.90 -2.29 17.34
CA PHE C 48 41.70 -2.62 18.11
C PHE C 48 42.16 -3.57 19.20
N GLN C 49 42.18 -3.07 20.44
CA GLN C 49 42.75 -3.81 21.56
C GLN C 49 41.64 -4.30 22.47
N GLY C 50 41.78 -5.55 22.97
CA GLY C 50 40.81 -6.12 23.89
C GLY C 50 39.47 -6.43 23.25
N TYR C 51 39.44 -6.50 21.92
CA TYR C 51 38.17 -6.78 21.23
C TYR C 51 37.78 -8.26 21.29
N ASN C 52 38.71 -9.15 21.66
CA ASN C 52 38.44 -10.58 21.63
C ASN C 52 37.78 -10.99 22.95
N LEU C 53 36.47 -10.79 23.06
CA LEU C 53 35.75 -11.07 24.30
C LEU C 53 35.57 -12.58 24.47
N SER C 54 35.84 -13.09 25.67
N SER C 54 35.77 -13.09 25.69
CA SER C 54 35.71 -14.53 25.87
CA SER C 54 35.69 -14.51 25.96
C SER C 54 34.26 -14.95 25.70
C SER C 54 34.25 -15.02 25.85
N ALA C 55 34.09 -16.20 25.24
CA ALA C 55 32.80 -16.83 25.06
C ALA C 55 32.12 -17.12 26.41
N ASN C 56 32.91 -17.27 27.49
CA ASN C 56 32.28 -17.67 28.75
C ASN C 56 31.90 -16.42 29.55
N LYS C 57 32.17 -15.24 28.96
CA LYS C 57 31.68 -13.98 29.50
C LYS C 57 30.40 -13.64 28.75
N GLN C 58 29.63 -12.70 29.30
CA GLN C 58 28.42 -12.30 28.57
C GLN C 58 28.23 -10.79 28.69
N PHE C 59 27.46 -10.26 27.74
CA PHE C 59 27.31 -8.84 27.42
C PHE C 59 25.83 -8.56 27.26
N LEU C 60 25.35 -7.49 27.89
CA LEU C 60 23.92 -7.21 27.94
C LEU C 60 23.52 -6.63 26.59
N LEU C 61 22.55 -7.30 25.96
CA LEU C 61 21.82 -6.85 24.77
C LEU C 61 20.50 -6.24 25.23
N THR C 62 20.19 -5.03 24.76
CA THR C 62 19.01 -4.28 25.15
C THR C 62 18.31 -3.76 23.90
N ASN C 63 17.00 -3.93 23.89
CA ASN C 63 16.13 -3.17 23.00
C ASN C 63 15.71 -1.92 23.77
N ASN C 64 16.23 -0.76 23.37
CA ASN C 64 15.92 0.48 24.04
C ASN C 64 14.83 1.25 23.30
N GLY C 65 14.09 0.57 22.42
CA GLY C 65 13.02 1.23 21.67
C GLY C 65 13.55 1.98 20.45
N HIS C 66 14.88 2.16 20.35
CA HIS C 66 15.49 2.92 19.28
C HIS C 66 16.34 2.03 18.37
N SER C 67 17.05 1.09 18.96
CA SER C 67 17.90 0.13 18.27
C SER C 67 18.08 -1.05 19.20
N VAL C 68 18.90 -2.01 18.76
CA VAL C 68 19.40 -3.01 19.69
C VAL C 68 20.87 -2.67 19.92
N LYS C 69 21.24 -2.70 21.21
CA LYS C 69 22.57 -2.30 21.64
C LYS C 69 23.14 -3.44 22.45
N LEU C 70 24.44 -3.62 22.25
CA LEU C 70 25.20 -4.53 23.08
C LEU C 70 26.18 -3.71 23.90
N ASN C 71 26.13 -3.84 25.21
CA ASN C 71 27.08 -3.19 26.09
C ASN C 71 28.45 -3.83 25.88
N LEU C 72 29.49 -3.00 25.93
CA LEU C 72 30.85 -3.47 25.70
C LEU C 72 31.73 -3.01 26.88
N PRO C 73 32.77 -3.78 27.25
CA PRO C 73 33.56 -3.49 28.45
C PRO C 73 34.61 -2.45 28.13
N SER C 74 34.91 -1.60 29.13
CA SER C 74 35.85 -0.51 28.95
C SER C 74 37.29 -0.98 28.66
N ASP C 75 37.61 -2.27 28.88
CA ASP C 75 38.95 -2.74 28.56
C ASP C 75 39.22 -2.80 27.05
N MET C 76 38.14 -2.79 26.29
CA MET C 76 38.20 -2.74 24.84
CA MET C 76 38.26 -2.76 24.85
C MET C 76 38.54 -1.32 24.43
N HIS C 77 39.57 -1.15 23.59
CA HIS C 77 39.86 0.23 23.23
C HIS C 77 40.50 0.36 21.85
N ILE C 78 40.42 1.58 21.29
CA ILE C 78 41.12 1.96 20.09
C ILE C 78 42.46 2.56 20.50
N GLN C 79 43.52 2.11 19.81
N GLN C 79 43.54 2.08 19.88
CA GLN C 79 44.87 2.65 19.91
CA GLN C 79 44.83 2.72 19.97
C GLN C 79 45.19 3.31 18.58
C GLN C 79 45.13 3.34 18.61
N GLY C 80 45.77 4.52 18.65
CA GLY C 80 46.21 5.20 17.44
C GLY C 80 45.64 6.61 17.32
N LEU C 81 44.65 6.95 18.15
CA LEU C 81 44.14 8.31 18.21
C LEU C 81 44.95 9.08 19.25
N GLN C 82 44.64 10.37 19.45
CA GLN C 82 45.44 11.25 20.30
C GLN C 82 45.23 10.92 21.79
N SER C 83 44.07 10.34 22.13
CA SER C 83 43.72 9.81 23.44
C SER C 83 43.31 8.35 23.26
N ARG C 84 43.35 7.57 24.34
CA ARG C 84 42.69 6.27 24.36
C ARG C 84 41.19 6.45 24.36
N TYR C 85 40.50 5.73 23.44
CA TYR C 85 39.05 5.69 23.45
C TYR C 85 38.64 4.26 23.79
N SER C 86 37.86 4.13 24.86
CA SER C 86 37.40 2.85 25.37
C SER C 86 35.95 2.58 24.94
N ALA C 87 35.66 1.32 24.68
CA ALA C 87 34.34 0.93 24.22
C ALA C 87 33.28 1.16 25.30
N THR C 88 32.05 1.45 24.81
CA THR C 88 30.86 1.49 25.63
C THR C 88 29.73 0.58 25.11
N GLN C 89 29.46 0.61 23.81
CA GLN C 89 28.34 -0.18 23.26
C GLN C 89 28.52 -0.23 21.75
N LEU C 90 27.88 -1.24 21.16
CA LEU C 90 27.62 -1.12 19.75
C LEU C 90 26.15 -1.28 19.47
N HIS C 91 25.75 -0.88 18.25
CA HIS C 91 24.38 -0.92 17.83
C HIS C 91 24.31 -0.86 16.31
N LEU C 92 23.10 -1.03 15.77
CA LEU C 92 22.90 -1.02 14.34
C LEU C 92 21.79 -0.06 13.94
N HIS C 93 21.82 0.27 12.64
CA HIS C 93 20.80 1.07 11.98
C HIS C 93 20.38 0.35 10.70
N TRP C 94 19.08 0.29 10.40
CA TRP C 94 18.61 -0.40 9.21
C TRP C 94 17.35 0.27 8.65
N GLY C 95 16.89 -0.29 7.51
CA GLY C 95 15.73 0.23 6.81
C GLY C 95 14.51 -0.63 7.08
N ASN C 96 13.88 -1.10 5.98
CA ASN C 96 12.73 -1.97 6.12
C ASN C 96 12.69 -2.93 4.94
N PRO C 97 11.89 -4.01 5.00
CA PRO C 97 11.92 -4.98 3.90
C PRO C 97 11.54 -4.43 2.52
N ASN C 98 10.71 -3.40 2.51
CA ASN C 98 10.25 -2.78 1.26
C ASN C 98 11.31 -1.83 0.68
N ASP C 99 12.23 -1.34 1.51
CA ASP C 99 13.25 -0.39 1.11
C ASP C 99 14.47 -0.66 1.99
N PRO C 100 15.23 -1.74 1.67
CA PRO C 100 16.26 -2.26 2.57
C PRO C 100 17.58 -1.49 2.40
N HIS C 101 17.52 -0.19 2.71
CA HIS C 101 18.66 0.70 2.47
C HIS C 101 18.73 1.72 3.60
N GLY C 102 19.14 1.27 4.80
CA GLY C 102 19.02 2.07 6.00
C GLY C 102 20.35 2.33 6.69
N SER C 103 21.46 2.37 5.91
CA SER C 103 22.65 2.95 6.52
C SER C 103 22.43 4.42 6.89
N GLU C 104 23.28 4.97 7.76
CA GLU C 104 23.25 6.40 8.09
C GLU C 104 24.11 7.18 7.11
N HIS C 105 25.40 6.86 7.02
CA HIS C 105 26.24 7.47 6.01
C HIS C 105 25.87 6.94 4.64
N THR C 106 26.03 7.80 3.63
CA THR C 106 25.85 7.36 2.26
C THR C 106 27.17 7.58 1.53
N VAL C 107 27.37 6.89 0.40
CA VAL C 107 28.55 7.06 -0.40
C VAL C 107 28.08 7.39 -1.81
N SER C 108 28.50 8.55 -2.32
CA SER C 108 28.06 9.02 -3.62
C SER C 108 26.53 9.00 -3.73
N GLY C 109 25.87 9.38 -2.62
CA GLY C 109 24.43 9.49 -2.55
C GLY C 109 23.70 8.20 -2.22
N GLN C 110 24.41 7.07 -2.17
CA GLN C 110 23.77 5.77 -2.02
C GLN C 110 23.85 5.26 -0.58
N HIS C 111 22.69 4.83 -0.08
CA HIS C 111 22.66 4.12 1.18
C HIS C 111 23.13 2.69 0.99
N PHE C 112 23.79 2.18 2.02
CA PHE C 112 23.99 0.74 2.16
C PHE C 112 22.77 0.14 2.89
N ALA C 113 22.73 -1.20 2.98
CA ALA C 113 21.63 -1.89 3.61
C ALA C 113 21.45 -1.53 5.08
N ALA C 114 22.58 -1.40 5.80
CA ALA C 114 22.55 -1.18 7.25
C ALA C 114 23.91 -0.63 7.65
N GLU C 115 24.05 -0.23 8.92
CA GLU C 115 25.32 0.30 9.38
C GLU C 115 25.47 -0.13 10.84
N LEU C 116 26.69 -0.55 11.18
CA LEU C 116 27.05 -0.87 12.55
C LEU C 116 27.93 0.23 13.14
N HIS C 117 27.61 0.64 14.37
CA HIS C 117 28.42 1.64 15.07
C HIS C 117 28.98 1.02 16.35
N ILE C 118 30.30 1.17 16.52
CA ILE C 118 30.97 0.74 17.75
C ILE C 118 31.42 2.00 18.47
N VAL C 119 30.72 2.33 19.56
CA VAL C 119 30.86 3.61 20.25
C VAL C 119 31.90 3.49 21.35
N HIS C 120 32.83 4.46 21.36
CA HIS C 120 33.88 4.55 22.37
C HIS C 120 33.88 5.96 22.97
N TYR C 121 34.44 6.06 24.18
CA TYR C 121 34.57 7.34 24.87
C TYR C 121 36.03 7.59 25.22
N ASN C 122 36.34 8.87 25.41
CA ASN C 122 37.70 9.26 25.74
C ASN C 122 37.92 9.03 27.23
N SER C 123 38.54 7.89 27.53
CA SER C 123 38.73 7.48 28.91
C SER C 123 39.95 8.15 29.53
N ASP C 124 40.79 8.78 28.71
CA ASP C 124 41.87 9.57 29.25
C ASP C 124 41.34 10.85 29.89
N LEU C 125 40.30 11.44 29.29
CA LEU C 125 39.76 12.71 29.77
C LEU C 125 38.60 12.50 30.75
N TYR C 126 37.80 11.43 30.54
CA TYR C 126 36.50 11.32 31.19
C TYR C 126 36.33 9.96 31.84
N PRO C 127 35.53 9.87 32.94
CA PRO C 127 35.42 8.60 33.67
C PRO C 127 34.50 7.56 33.06
N ASP C 128 33.60 8.01 32.19
CA ASP C 128 32.60 7.12 31.63
C ASP C 128 31.98 7.78 30.40
N ALA C 129 31.20 7.00 29.64
CA ALA C 129 30.68 7.46 28.37
C ALA C 129 29.62 8.55 28.53
N SER C 130 28.72 8.41 29.51
CA SER C 130 27.72 9.43 29.80
C SER C 130 28.38 10.79 30.05
N THR C 131 29.42 10.81 30.90
CA THR C 131 30.12 12.05 31.23
C THR C 131 30.78 12.59 29.97
N ALA C 132 31.42 11.70 29.20
CA ALA C 132 32.17 12.13 28.02
C ALA C 132 31.26 12.70 26.92
N SER C 133 30.02 12.24 26.85
N SER C 133 30.00 12.29 26.92
CA SER C 133 29.25 12.36 25.62
CA SER C 133 29.18 12.34 25.73
C SER C 133 29.04 13.82 25.21
C SER C 133 28.92 13.77 25.26
N ASN C 134 28.95 14.74 26.18
CA ASN C 134 28.63 16.13 25.86
C ASN C 134 29.87 17.00 26.02
N LYS C 135 31.06 16.40 26.02
CA LYS C 135 32.26 17.15 26.33
C LYS C 135 33.25 17.02 25.18
N SER C 136 34.17 17.99 25.16
CA SER C 136 35.13 18.14 24.08
C SER C 136 35.93 16.84 23.91
N GLU C 137 36.01 16.36 22.67
CA GLU C 137 36.78 15.17 22.32
C GLU C 137 36.24 13.95 23.05
N GLY C 138 34.93 13.93 23.32
CA GLY C 138 34.38 12.91 24.21
C GLY C 138 34.26 11.53 23.59
N LEU C 139 33.95 11.46 22.29
CA LEU C 139 33.56 10.20 21.71
C LEU C 139 34.31 9.87 20.41
N ALA C 140 34.40 8.58 20.10
CA ALA C 140 34.90 8.12 18.82
C ALA C 140 34.03 6.96 18.42
N VAL C 141 33.52 6.97 17.16
CA VAL C 141 32.67 5.90 16.69
C VAL C 141 33.34 5.26 15.47
N LEU C 142 33.33 3.93 15.44
CA LEU C 142 33.70 3.19 14.24
C LEU C 142 32.42 2.82 13.52
N ALA C 143 32.37 3.08 12.22
CA ALA C 143 31.19 2.78 11.43
C ALA C 143 31.56 1.76 10.36
N VAL C 144 30.73 0.70 10.30
CA VAL C 144 30.85 -0.32 9.27
C VAL C 144 29.60 -0.32 8.39
N LEU C 145 29.83 -0.13 7.08
CA LEU C 145 28.73 -0.19 6.12
C LEU C 145 28.42 -1.67 5.83
N ILE C 146 27.12 -2.00 5.74
CA ILE C 146 26.65 -3.39 5.60
C ILE C 146 25.87 -3.50 4.30
N GLU C 147 26.24 -4.45 3.44
CA GLU C 147 25.47 -4.75 2.25
C GLU C 147 25.05 -6.22 2.23
N MET C 148 24.09 -6.55 1.38
CA MET C 148 23.64 -7.92 1.22
CA MET C 148 23.64 -7.92 1.20
C MET C 148 24.70 -8.71 0.44
N GLY C 149 24.96 -9.94 0.89
CA GLY C 149 25.83 -10.87 0.20
C GLY C 149 25.84 -12.22 0.91
N SER C 150 27.06 -12.72 1.20
CA SER C 150 27.29 -13.96 1.92
C SER C 150 26.79 -13.88 3.36
N PHE C 151 26.28 -15.03 3.85
CA PHE C 151 25.99 -15.23 5.26
C PHE C 151 27.24 -14.88 6.06
N ASN C 152 27.01 -14.19 7.18
CA ASN C 152 28.08 -13.72 8.05
C ASN C 152 27.92 -14.34 9.44
N PRO C 153 28.72 -15.36 9.81
CA PRO C 153 28.58 -16.02 11.10
C PRO C 153 28.87 -15.08 12.29
N SER C 154 29.75 -14.10 12.07
CA SER C 154 30.09 -13.16 13.13
C SER C 154 28.90 -12.27 13.48
N TYR C 155 28.23 -11.68 12.46
CA TYR C 155 27.04 -10.88 12.74
C TYR C 155 25.91 -11.72 13.33
N ASP C 156 25.88 -13.03 13.04
CA ASP C 156 24.84 -13.90 13.57
C ASP C 156 24.99 -14.14 15.07
N LYS C 157 26.18 -13.85 15.63
CA LYS C 157 26.41 -13.92 17.06
C LYS C 157 25.56 -12.89 17.79
N ILE C 158 25.19 -11.80 17.09
CA ILE C 158 24.22 -10.84 17.62
C ILE C 158 22.81 -11.28 17.22
N PHE C 159 22.64 -11.45 15.90
CA PHE C 159 21.31 -11.61 15.31
C PHE C 159 20.56 -12.81 15.89
N SER C 160 21.30 -13.81 16.35
CA SER C 160 20.68 -15.05 16.79
C SER C 160 20.01 -14.89 18.16
N HIS C 161 20.12 -13.72 18.77
CA HIS C 161 19.56 -13.41 20.06
C HIS C 161 18.41 -12.41 19.98
N LEU C 162 18.09 -11.89 18.78
CA LEU C 162 17.11 -10.82 18.67
C LEU C 162 15.73 -11.20 19.16
N GLN C 163 15.32 -12.48 19.05
CA GLN C 163 13.97 -12.84 19.48
C GLN C 163 13.81 -12.75 21.00
N HIS C 164 14.91 -12.60 21.76
CA HIS C 164 14.88 -12.47 23.21
C HIS C 164 14.69 -11.02 23.67
N VAL C 165 14.73 -10.07 22.73
CA VAL C 165 14.62 -8.65 23.04
C VAL C 165 13.66 -7.96 22.07
N LYS C 166 12.52 -8.60 21.80
CA LYS C 166 11.65 -8.10 20.76
C LYS C 166 10.99 -6.79 21.17
N TYR C 167 10.80 -6.56 22.46
CA TYR C 167 10.01 -5.41 22.89
C TYR C 167 10.91 -4.40 23.59
N LYS C 168 10.47 -3.14 23.57
CA LYS C 168 11.19 -2.05 24.20
C LYS C 168 11.39 -2.35 25.69
N GLY C 169 12.64 -2.17 26.13
CA GLY C 169 13.01 -2.35 27.52
C GLY C 169 13.59 -3.73 27.83
N GLN C 170 13.34 -4.71 26.94
CA GLN C 170 13.75 -6.08 27.19
C GLN C 170 15.25 -6.21 27.01
N GLU C 171 15.82 -7.11 27.81
CA GLU C 171 17.24 -7.33 27.83
C GLU C 171 17.54 -8.82 27.82
N ALA C 172 18.70 -9.17 27.31
CA ALA C 172 19.16 -10.53 27.30
C ALA C 172 20.67 -10.51 27.20
N PHE C 173 21.31 -11.59 27.59
CA PHE C 173 22.76 -11.65 27.46
C PHE C 173 23.15 -12.36 26.15
N VAL C 174 24.27 -11.89 25.59
CA VAL C 174 24.93 -12.48 24.43
C VAL C 174 26.30 -12.96 24.91
N PRO C 175 26.72 -14.24 24.68
CA PRO C 175 28.08 -14.64 25.05
C PRO C 175 29.11 -13.80 24.28
N GLY C 176 30.29 -13.60 24.88
CA GLY C 176 31.36 -12.86 24.24
C GLY C 176 31.82 -13.53 22.94
N PHE C 177 32.27 -12.69 22.00
CA PHE C 177 32.97 -13.14 20.80
C PHE C 177 33.96 -12.04 20.42
N ASN C 178 34.76 -12.29 19.38
CA ASN C 178 35.75 -11.34 18.93
C ASN C 178 35.07 -10.25 18.09
N ILE C 179 34.93 -9.06 18.69
CA ILE C 179 34.22 -7.95 18.09
C ILE C 179 34.89 -7.53 16.77
N GLU C 180 36.19 -7.77 16.67
CA GLU C 180 36.94 -7.42 15.48
C GLU C 180 36.43 -8.17 14.25
N GLU C 181 35.76 -9.30 14.45
CA GLU C 181 35.15 -10.02 13.33
C GLU C 181 34.04 -9.23 12.63
N LEU C 182 33.50 -8.20 13.29
CA LEU C 182 32.45 -7.35 12.72
C LEU C 182 33.02 -6.33 11.73
N LEU C 183 34.33 -6.13 11.78
CA LEU C 183 34.99 -5.11 10.99
C LEU C 183 35.29 -5.65 9.59
N PRO C 184 35.33 -4.76 8.58
CA PRO C 184 35.54 -5.20 7.20
C PRO C 184 37.01 -5.43 6.88
N GLU C 185 37.23 -5.83 5.63
CA GLU C 185 38.58 -5.97 5.10
C GLU C 185 39.27 -4.61 5.02
N ARG C 186 40.60 -4.62 5.15
N ARG C 186 40.60 -4.67 5.15
CA ARG C 186 41.45 -3.45 4.96
CA ARG C 186 41.50 -3.55 5.06
C ARG C 186 40.99 -2.28 5.83
C ARG C 186 40.92 -2.36 5.83
N THR C 187 40.95 -2.50 7.15
CA THR C 187 40.55 -1.44 8.06
C THR C 187 41.47 -0.23 7.95
N ALA C 188 42.67 -0.39 7.36
CA ALA C 188 43.54 0.77 7.17
C ALA C 188 42.91 1.81 6.23
N GLU C 189 41.91 1.42 5.43
CA GLU C 189 41.24 2.34 4.51
C GLU C 189 39.96 2.89 5.16
N TYR C 190 39.93 4.19 5.44
CA TYR C 190 38.79 4.77 6.11
C TYR C 190 38.63 6.24 5.77
N TYR C 191 37.40 6.72 6.03
CA TYR C 191 37.04 8.12 6.01
C TYR C 191 37.05 8.63 7.45
N ARG C 192 37.47 9.89 7.63
CA ARG C 192 37.56 10.47 8.96
C ARG C 192 36.97 11.88 8.91
N TYR C 193 36.12 12.22 9.90
CA TYR C 193 35.67 13.60 10.04
C TYR C 193 35.16 13.80 11.45
N ARG C 194 35.09 15.07 11.88
CA ARG C 194 34.49 15.43 13.15
C ARG C 194 33.00 15.67 12.98
N GLY C 195 32.21 14.98 13.77
CA GLY C 195 30.76 15.13 13.65
C GLY C 195 30.07 14.93 14.99
N SER C 196 28.90 14.30 14.93
CA SER C 196 28.03 14.29 16.10
C SER C 196 27.47 12.88 16.32
N LEU C 197 26.86 12.70 17.49
CA LEU C 197 25.92 11.59 17.64
C LEU C 197 24.81 11.75 16.61
N THR C 198 24.30 10.63 16.10
CA THR C 198 23.22 10.67 15.11
C THR C 198 21.85 10.47 15.76
N THR C 199 21.83 10.43 17.08
CA THR C 199 20.60 10.34 17.85
C THR C 199 20.66 11.42 18.92
N PRO C 200 19.53 11.83 19.50
CA PRO C 200 19.57 12.75 20.64
C PRO C 200 20.50 12.23 21.70
N PRO C 201 21.28 13.10 22.37
CA PRO C 201 21.22 14.57 22.22
C PRO C 201 22.01 15.18 21.06
N CYS C 202 22.53 14.38 20.14
CA CYS C 202 23.21 14.89 18.94
C CYS C 202 24.48 15.70 19.23
N ASN C 203 25.16 15.39 20.34
CA ASN C 203 26.30 16.22 20.73
C ASN C 203 27.37 16.17 19.65
N PRO C 204 27.99 17.33 19.33
CA PRO C 204 28.99 17.41 18.25
C PRO C 204 30.38 17.02 18.79
N THR C 205 30.46 15.82 19.36
CA THR C 205 31.61 15.40 20.13
C THR C 205 32.19 14.07 19.61
N VAL C 206 31.80 13.68 18.38
CA VAL C 206 32.20 12.39 17.81
C VAL C 206 33.29 12.53 16.75
N LEU C 207 34.40 11.82 16.96
CA LEU C 207 35.38 11.59 15.89
C LEU C 207 34.94 10.35 15.13
N TRP C 208 34.51 10.53 13.86
CA TRP C 208 33.98 9.43 13.06
C TRP C 208 35.09 8.79 12.26
N THR C 209 35.06 7.47 12.25
CA THR C 209 35.89 6.67 11.36
C THR C 209 34.93 5.74 10.63
N VAL C 210 34.74 5.96 9.33
CA VAL C 210 33.84 5.13 8.53
C VAL C 210 34.72 4.28 7.63
N PHE C 211 34.71 2.95 7.82
CA PHE C 211 35.59 2.16 6.99
C PHE C 211 35.17 2.24 5.52
N ARG C 212 36.17 2.18 4.64
N ARG C 212 36.16 2.25 4.62
CA ARG C 212 35.96 2.35 3.20
CA ARG C 212 35.85 2.38 3.20
C ARG C 212 35.22 1.16 2.59
C ARG C 212 35.05 1.18 2.72
N ASN C 213 35.47 -0.03 3.15
CA ASN C 213 34.94 -1.26 2.59
C ASN C 213 33.78 -1.79 3.43
N PRO C 214 32.66 -2.22 2.79
CA PRO C 214 31.51 -2.74 3.52
C PRO C 214 31.78 -4.20 3.91
N VAL C 215 30.99 -4.71 4.87
CA VAL C 215 30.85 -6.13 5.12
C VAL C 215 29.57 -6.62 4.45
N GLN C 216 29.44 -7.94 4.33
CA GLN C 216 28.23 -8.53 3.80
C GLN C 216 27.54 -9.38 4.86
N ILE C 217 26.20 -9.33 4.83
CA ILE C 217 25.34 -10.27 5.55
C ILE C 217 24.34 -10.82 4.53
N SER C 218 23.75 -12.00 4.79
CA SER C 218 22.89 -12.60 3.79
C SER C 218 21.55 -11.86 3.74
N GLN C 219 20.81 -12.06 2.63
N GLN C 219 20.79 -12.07 2.66
CA GLN C 219 19.45 -11.55 2.52
CA GLN C 219 19.45 -11.52 2.54
C GLN C 219 18.64 -11.99 3.74
C GLN C 219 18.59 -12.01 3.71
N GLU C 220 18.78 -13.27 4.12
CA GLU C 220 18.07 -13.83 5.26
C GLU C 220 18.45 -13.10 6.56
N GLN C 221 19.74 -12.83 6.77
CA GLN C 221 20.16 -12.11 7.98
C GLN C 221 19.63 -10.68 8.02
N LEU C 222 19.60 -10.03 6.87
CA LEU C 222 19.11 -8.67 6.81
C LEU C 222 17.61 -8.62 7.07
N LEU C 223 16.85 -9.55 6.46
CA LEU C 223 15.42 -9.57 6.68
C LEU C 223 15.11 -9.84 8.14
N ALA C 224 15.87 -10.76 8.75
CA ALA C 224 15.71 -11.06 10.17
C ALA C 224 15.87 -9.80 11.03
N LEU C 225 16.94 -9.03 10.74
CA LEU C 225 17.21 -7.81 11.49
C LEU C 225 16.06 -6.80 11.32
N GLU C 226 15.56 -6.66 10.09
CA GLU C 226 14.53 -5.68 9.81
C GLU C 226 13.17 -6.08 10.38
N THR C 227 12.96 -7.37 10.71
CA THR C 227 11.63 -7.83 11.08
C THR C 227 11.56 -8.34 12.53
N ALA C 228 12.68 -8.33 13.28
CA ALA C 228 12.72 -8.99 14.59
C ALA C 228 12.11 -8.15 15.70
N LEU C 229 12.26 -6.81 15.65
CA LEU C 229 12.07 -6.02 16.86
C LEU C 229 10.90 -5.07 16.73
N TYR C 230 10.21 -4.83 17.84
CA TYR C 230 9.25 -3.76 17.93
C TYR C 230 9.95 -2.64 18.70
N CYS C 231 9.43 -1.43 18.52
N CYS C 231 9.46 -1.42 18.53
CA CYS C 231 9.91 -0.28 19.25
CA CYS C 231 9.92 -0.28 19.31
C CYS C 231 8.96 0.07 20.40
C CYS C 231 9.18 -0.20 20.64
N THR C 232 7.99 -0.80 20.66
CA THR C 232 7.00 -0.60 21.72
C THR C 232 7.16 -1.64 22.81
N HIS C 233 6.62 -1.33 24.01
CA HIS C 233 6.63 -2.24 25.14
C HIS C 233 5.72 -3.43 24.86
N MET C 234 6.00 -4.53 25.57
CA MET C 234 5.32 -5.80 25.37
C MET C 234 3.82 -5.65 25.59
N ASP C 235 3.40 -4.82 26.56
CA ASP C 235 1.99 -4.78 26.90
C ASP C 235 1.25 -3.72 26.07
N ASP C 236 1.87 -3.22 24.99
CA ASP C 236 1.27 -2.18 24.16
C ASP C 236 0.24 -2.78 23.21
N PRO C 237 -1.05 -2.37 23.28
CA PRO C 237 -2.06 -2.87 22.34
C PRO C 237 -1.89 -2.36 20.91
N SER C 238 -0.94 -1.43 20.70
CA SER C 238 -0.66 -0.90 19.38
C SER C 238 0.82 -1.03 19.05
N PRO C 239 1.30 -2.28 18.78
CA PRO C 239 2.72 -2.51 18.53
C PRO C 239 3.24 -1.87 17.26
N ARG C 240 4.47 -1.38 17.33
CA ARG C 240 5.09 -0.74 16.17
C ARG C 240 6.43 -1.42 15.91
N GLU C 241 6.68 -1.80 14.65
CA GLU C 241 7.95 -2.41 14.22
C GLU C 241 9.12 -1.41 14.34
N MET C 242 10.29 -1.97 14.69
N MET C 242 10.27 -1.92 14.77
CA MET C 242 11.55 -1.23 14.75
CA MET C 242 11.46 -1.08 14.78
C MET C 242 12.23 -1.27 13.37
C MET C 242 12.18 -1.24 13.44
N ILE C 243 11.98 -0.24 12.57
CA ILE C 243 12.46 -0.18 11.19
C ILE C 243 12.86 1.28 10.92
N ASN C 244 13.68 1.49 9.87
CA ASN C 244 14.03 2.84 9.42
C ASN C 244 14.61 3.65 10.57
N ASN C 245 15.46 3.02 11.38
CA ASN C 245 16.03 3.67 12.56
C ASN C 245 17.40 4.28 12.24
N PHE C 246 17.42 5.15 11.24
CA PHE C 246 18.59 5.89 10.81
C PHE C 246 18.17 7.35 10.65
N ARG C 247 19.14 8.25 10.78
CA ARG C 247 18.90 9.67 10.58
C ARG C 247 19.18 10.01 9.12
N GLN C 248 18.38 10.92 8.53
CA GLN C 248 18.69 11.44 7.19
C GLN C 248 20.07 12.14 7.20
N VAL C 249 20.73 12.20 6.04
CA VAL C 249 22.00 12.89 5.95
C VAL C 249 21.80 14.39 6.14
N GLN C 250 22.83 14.99 6.74
CA GLN C 250 22.85 16.40 7.10
C GLN C 250 23.61 17.20 6.06
N LYS C 251 23.29 18.49 5.90
CA LYS C 251 24.13 19.35 5.10
C LYS C 251 25.54 19.38 5.68
N PHE C 252 26.51 19.47 4.78
CA PHE C 252 27.93 19.47 5.14
C PHE C 252 28.60 20.39 4.12
N ASP C 253 28.72 21.67 4.47
CA ASP C 253 29.12 22.70 3.52
C ASP C 253 30.46 23.29 3.88
N GLU C 254 31.30 23.49 2.84
CA GLU C 254 32.61 24.08 3.01
C GLU C 254 33.40 23.28 4.04
N ARG C 255 33.24 21.95 4.01
CA ARG C 255 34.03 21.05 4.83
C ARG C 255 34.54 19.85 4.04
N LEU C 256 35.59 19.21 4.59
CA LEU C 256 36.19 18.05 3.95
C LEU C 256 36.00 16.80 4.81
N VAL C 257 36.03 15.67 4.12
CA VAL C 257 36.20 14.39 4.79
C VAL C 257 37.58 13.88 4.41
N TYR C 258 38.34 13.52 5.42
CA TYR C 258 39.72 13.12 5.18
C TYR C 258 39.77 11.61 4.97
N THR C 259 40.68 11.17 4.07
CA THR C 259 40.76 9.76 3.75
C THR C 259 42.17 9.25 4.01
N SER C 260 42.22 8.02 4.51
CA SER C 260 43.53 7.39 4.76
C SER C 260 44.11 6.83 3.47
N PHE C 261 43.29 6.79 2.43
CA PHE C 261 43.65 6.16 1.18
C PHE C 261 43.78 7.25 0.14
N SER C 262 44.74 7.04 -0.77
CA SER C 262 45.10 8.06 -1.74
C SER C 262 44.29 7.83 -2.99
N GLN C 263 44.21 6.55 -3.34
CA GLN C 263 43.75 6.09 -4.63
C GLN C 263 42.50 5.23 -4.43
N SER D 2 14.78 36.16 14.55
CA SER D 2 15.47 34.97 13.93
C SER D 2 14.54 34.23 12.98
N LYS D 3 14.25 34.84 11.82
CA LYS D 3 13.40 34.23 10.80
C LYS D 3 14.04 32.94 10.28
N TRP D 4 13.22 31.99 9.80
CA TRP D 4 13.76 30.70 9.38
C TRP D 4 14.74 30.88 8.24
N THR D 5 15.73 29.98 8.20
CA THR D 5 16.78 30.00 7.20
C THR D 5 17.09 28.58 6.73
N TYR D 6 18.11 28.45 5.88
CA TYR D 6 18.64 27.15 5.47
C TYR D 6 19.98 26.83 6.10
N PHE D 7 20.45 27.67 7.04
CA PHE D 7 21.80 27.48 7.54
C PHE D 7 21.88 28.10 8.94
N GLY D 8 22.46 27.33 9.87
CA GLY D 8 22.74 27.88 11.19
C GLY D 8 21.59 27.58 12.14
N PRO D 9 21.50 28.36 13.24
CA PRO D 9 20.60 28.03 14.34
C PRO D 9 19.12 28.00 13.94
N ASP D 10 18.76 28.72 12.87
CA ASP D 10 17.36 28.77 12.43
C ASP D 10 17.14 27.93 11.18
N GLY D 11 18.09 27.04 10.88
CA GLY D 11 18.03 26.14 9.75
C GLY D 11 17.02 24.99 9.92
N GLU D 12 17.05 24.08 8.95
CA GLU D 12 15.93 23.17 8.75
C GLU D 12 15.67 22.24 9.92
N ASN D 13 16.71 21.88 10.70
CA ASN D 13 16.44 21.00 11.82
C ASN D 13 15.73 21.72 12.95
N SER D 14 15.62 23.04 12.86
CA SER D 14 14.97 23.85 13.90
C SER D 14 13.60 24.37 13.46
N TRP D 15 13.21 24.17 12.19
CA TRP D 15 11.95 24.75 11.72
C TRP D 15 10.79 24.29 12.58
N SER D 16 10.81 23.03 13.01
CA SER D 16 9.67 22.47 13.74
C SER D 16 9.47 23.14 15.10
N LYS D 17 10.45 23.91 15.60
CA LYS D 17 10.27 24.60 16.87
C LYS D 17 9.19 25.67 16.76
N LYS D 18 9.03 26.27 15.58
CA LYS D 18 8.04 27.32 15.37
C LYS D 18 6.91 26.85 14.46
N TYR D 19 7.17 25.84 13.63
CA TYR D 19 6.27 25.41 12.57
C TYR D 19 6.03 23.91 12.74
N PRO D 20 5.01 23.50 13.55
CA PRO D 20 4.91 22.11 13.93
C PRO D 20 4.76 21.15 12.75
N SER D 21 4.17 21.58 11.63
CA SER D 21 4.00 20.64 10.54
C SER D 21 5.35 20.24 9.94
N CYS D 22 6.40 21.04 10.15
CA CYS D 22 7.71 20.67 9.61
C CYS D 22 8.27 19.43 10.32
N GLY D 23 7.71 19.08 11.49
CA GLY D 23 8.03 17.83 12.16
C GLY D 23 6.91 16.78 12.10
N GLY D 24 5.94 17.00 11.21
CA GLY D 24 4.81 16.08 11.08
C GLY D 24 5.04 15.07 9.96
N LEU D 25 3.95 14.46 9.55
CA LEU D 25 4.01 13.45 8.50
C LEU D 25 3.99 14.09 7.10
N LEU D 26 4.30 13.24 6.13
CA LEU D 26 4.13 13.51 4.70
C LEU D 26 4.97 14.69 4.22
N GLN D 27 6.22 14.78 4.68
CA GLN D 27 7.07 15.90 4.32
C GLN D 27 7.78 15.67 2.99
N SER D 28 8.07 16.80 2.36
CA SER D 28 8.83 16.85 1.11
C SER D 28 10.10 17.66 1.32
N PRO D 29 11.12 17.51 0.47
CA PRO D 29 11.21 16.62 -0.70
C PRO D 29 11.59 15.20 -0.27
N ILE D 30 11.72 14.34 -1.29
CA ILE D 30 12.11 12.96 -1.09
C ILE D 30 13.07 12.55 -2.19
N ASP D 31 13.72 11.41 -1.91
CA ASP D 31 14.57 10.75 -2.90
C ASP D 31 13.74 9.78 -3.73
N LEU D 32 13.80 9.92 -5.03
CA LEU D 32 13.02 9.08 -5.93
C LEU D 32 13.92 7.93 -6.34
N HIS D 33 13.65 6.71 -5.81
CA HIS D 33 14.51 5.57 -6.11
C HIS D 33 13.64 4.33 -6.28
N SER D 34 14.21 3.33 -6.96
CA SER D 34 13.43 2.23 -7.51
C SER D 34 12.52 1.55 -6.47
N ASP D 35 13.02 1.31 -5.26
CA ASP D 35 12.28 0.47 -4.33
C ASP D 35 10.92 1.05 -3.96
N ILE D 36 10.79 2.40 -4.07
CA ILE D 36 9.55 3.01 -3.62
C ILE D 36 8.72 3.51 -4.81
N LEU D 37 9.09 3.14 -6.04
CA LEU D 37 8.32 3.57 -7.21
C LEU D 37 7.31 2.51 -7.59
N GLN D 38 6.13 2.94 -8.03
CA GLN D 38 5.14 1.99 -8.52
C GLN D 38 4.38 2.59 -9.69
N TYR D 39 4.34 1.87 -10.81
CA TYR D 39 3.55 2.31 -11.95
C TYR D 39 2.08 2.36 -11.59
N ASP D 40 1.41 3.44 -12.02
CA ASP D 40 -0.03 3.59 -11.81
C ASP D 40 -0.65 4.07 -13.12
N ALA D 41 -1.49 3.19 -13.72
CA ALA D 41 -2.12 3.50 -14.99
C ALA D 41 -3.14 4.64 -14.88
N SER D 42 -3.51 5.03 -13.65
N SER D 42 -3.52 5.03 -13.65
CA SER D 42 -4.45 6.12 -13.47
CA SER D 42 -4.42 6.17 -13.44
C SER D 42 -3.79 7.50 -13.63
C SER D 42 -3.79 7.48 -13.90
N LEU D 43 -2.46 7.54 -13.84
CA LEU D 43 -1.72 8.80 -13.94
C LEU D 43 -1.67 9.21 -15.41
N THR D 44 -2.75 9.89 -15.81
CA THR D 44 -2.93 10.31 -17.19
C THR D 44 -2.25 11.66 -17.41
N PRO D 45 -2.07 12.13 -18.67
CA PRO D 45 -1.31 13.35 -18.90
C PRO D 45 -1.98 14.59 -18.34
N LEU D 46 -1.19 15.46 -17.73
CA LEU D 46 -1.71 16.76 -17.36
C LEU D 46 -1.84 17.65 -18.58
N GLU D 47 -2.76 18.59 -18.45
CA GLU D 47 -2.92 19.61 -19.46
C GLU D 47 -2.64 20.98 -18.81
N PHE D 48 -1.78 21.74 -19.49
CA PHE D 48 -1.32 23.04 -19.01
C PHE D 48 -2.12 24.08 -19.76
N GLN D 49 -3.04 24.74 -19.06
CA GLN D 49 -3.94 25.71 -19.74
C GLN D 49 -3.58 27.13 -19.35
N GLY D 50 -3.58 28.02 -20.33
CA GLY D 50 -3.33 29.42 -20.03
C GLY D 50 -1.87 29.66 -19.64
N TYR D 51 -0.96 28.75 -20.00
CA TYR D 51 0.46 28.93 -19.68
C TYR D 51 1.14 29.89 -20.64
N ASN D 52 0.50 30.18 -21.79
CA ASN D 52 1.16 31.03 -22.77
C ASN D 52 0.85 32.49 -22.44
N LEU D 53 1.63 33.11 -21.55
CA LEU D 53 1.33 34.46 -21.09
C LEU D 53 1.71 35.46 -22.17
N SER D 54 0.88 36.48 -22.31
CA SER D 54 1.13 37.47 -23.35
C SER D 54 2.40 38.28 -23.07
N ALA D 55 3.22 38.46 -24.10
CA ALA D 55 4.42 39.27 -24.03
C ALA D 55 4.11 40.75 -23.77
N ASN D 56 2.85 41.16 -23.98
CA ASN D 56 2.46 42.53 -23.73
C ASN D 56 1.94 42.76 -22.31
N LYS D 57 1.87 41.67 -21.52
CA LYS D 57 1.52 41.76 -20.13
C LYS D 57 2.79 41.57 -19.31
N GLN D 58 2.72 41.96 -18.05
CA GLN D 58 3.89 41.82 -17.20
C GLN D 58 3.50 41.18 -15.86
N PHE D 59 4.48 40.47 -15.28
CA PHE D 59 4.27 39.61 -14.12
C PHE D 59 5.34 39.96 -13.10
N LEU D 60 4.93 40.01 -11.83
CA LEU D 60 5.80 40.54 -10.78
C LEU D 60 6.79 39.48 -10.31
N LEU D 61 8.08 39.82 -10.35
CA LEU D 61 9.15 39.03 -9.76
C LEU D 61 9.52 39.67 -8.42
N THR D 62 9.65 38.84 -7.38
CA THR D 62 9.94 39.35 -6.05
C THR D 62 11.02 38.47 -5.39
N ASN D 63 11.92 39.12 -4.68
CA ASN D 63 12.82 38.45 -3.76
C ASN D 63 12.14 38.47 -2.40
N ASN D 64 11.71 37.29 -1.92
CA ASN D 64 10.95 37.28 -0.66
C ASN D 64 11.84 36.92 0.53
N GLY D 65 13.17 36.93 0.35
CA GLY D 65 14.05 36.58 1.44
C GLY D 65 14.40 35.09 1.47
N HIS D 66 13.68 34.27 0.68
CA HIS D 66 13.92 32.82 0.71
C HIS D 66 14.20 32.26 -0.67
N SER D 67 13.57 32.83 -1.71
CA SER D 67 13.83 32.49 -3.11
C SER D 67 13.46 33.72 -3.94
N VAL D 68 13.54 33.57 -5.26
CA VAL D 68 12.95 34.51 -6.16
C VAL D 68 11.68 33.89 -6.70
N LYS D 69 10.60 34.67 -6.69
CA LYS D 69 9.33 34.13 -7.15
C LYS D 69 8.75 35.04 -8.23
N LEU D 70 8.06 34.40 -9.16
CA LEU D 70 7.32 35.09 -10.21
C LEU D 70 5.84 34.82 -9.98
N ASN D 71 5.07 35.89 -9.83
CA ASN D 71 3.63 35.74 -9.67
C ASN D 71 3.00 35.32 -10.98
N LEU D 72 2.00 34.45 -10.88
CA LEU D 72 1.32 33.93 -12.05
C LEU D 72 -0.16 34.21 -11.92
N PRO D 73 -0.86 34.35 -13.06
CA PRO D 73 -2.30 34.66 -13.03
C PRO D 73 -3.17 33.42 -12.79
N SER D 74 -4.30 33.59 -12.12
CA SER D 74 -5.11 32.44 -11.75
C SER D 74 -5.81 31.82 -12.96
N ASP D 75 -5.84 32.51 -14.13
CA ASP D 75 -6.37 31.93 -15.35
C ASP D 75 -5.49 30.80 -15.89
N MET D 76 -4.26 30.74 -15.40
CA MET D 76 -3.36 29.64 -15.72
C MET D 76 -3.73 28.45 -14.81
N HIS D 77 -4.06 27.30 -15.42
N HIS D 77 -3.86 27.24 -15.38
CA HIS D 77 -4.60 26.18 -14.67
CA HIS D 77 -4.31 26.14 -14.54
C HIS D 77 -3.88 24.91 -15.11
C HIS D 77 -3.86 24.79 -15.08
N ILE D 78 -3.94 23.87 -14.27
N ILE D 78 -3.89 23.80 -14.19
CA ILE D 78 -3.71 22.53 -14.76
CA ILE D 78 -3.70 22.40 -14.52
C ILE D 78 -4.98 21.70 -14.63
C ILE D 78 -5.07 21.73 -14.64
N GLN D 79 -5.21 20.88 -15.65
CA GLN D 79 -6.28 19.90 -15.63
C GLN D 79 -5.70 18.51 -15.65
N GLY D 80 -6.46 17.58 -15.06
CA GLY D 80 -6.10 16.18 -15.03
C GLY D 80 -6.05 15.64 -13.61
N LEU D 81 -6.08 16.54 -12.61
CA LEU D 81 -6.10 16.07 -11.24
C LEU D 81 -7.56 15.93 -10.79
N GLN D 82 -7.77 15.76 -9.48
CA GLN D 82 -9.11 15.51 -8.98
C GLN D 82 -9.95 16.78 -8.99
N SER D 83 -9.28 17.93 -9.03
CA SER D 83 -9.89 19.27 -9.00
C SER D 83 -9.08 20.13 -9.96
N ARG D 84 -9.65 21.27 -10.38
CA ARG D 84 -8.85 22.25 -11.10
C ARG D 84 -7.94 23.01 -10.13
N TYR D 85 -6.65 23.09 -10.50
CA TYR D 85 -5.66 23.82 -9.74
C TYR D 85 -5.20 25.01 -10.58
N SER D 86 -5.25 26.18 -9.95
CA SER D 86 -4.89 27.43 -10.62
C SER D 86 -3.53 27.91 -10.16
N ALA D 87 -2.75 28.46 -11.09
CA ALA D 87 -1.41 28.87 -10.70
C ALA D 87 -1.42 30.08 -9.77
N THR D 88 -0.38 30.14 -8.94
CA THR D 88 -0.16 31.31 -8.08
C THR D 88 1.26 31.88 -8.24
N GLN D 89 2.28 31.04 -8.33
CA GLN D 89 3.65 31.55 -8.45
C GLN D 89 4.55 30.43 -8.90
N LEU D 90 5.73 30.80 -9.40
CA LEU D 90 6.82 29.86 -9.56
C LEU D 90 8.05 30.40 -8.85
N HIS D 91 8.95 29.48 -8.49
CA HIS D 91 10.19 29.89 -7.81
C HIS D 91 11.20 28.77 -8.00
N LEU D 92 12.45 29.01 -7.51
CA LEU D 92 13.52 28.04 -7.72
C LEU D 92 14.23 27.73 -6.41
N HIS D 93 14.98 26.63 -6.44
CA HIS D 93 15.88 26.23 -5.38
C HIS D 93 17.22 25.89 -6.01
N TRP D 94 18.32 26.23 -5.32
CA TRP D 94 19.66 26.06 -5.90
C TRP D 94 20.68 25.91 -4.76
N GLY D 95 21.91 25.62 -5.20
CA GLY D 95 23.02 25.39 -4.29
C GLY D 95 23.92 26.63 -4.21
N ASN D 96 25.20 26.46 -4.55
CA ASN D 96 26.10 27.59 -4.46
C ASN D 96 27.24 27.32 -5.43
N PRO D 97 28.11 28.32 -5.70
CA PRO D 97 29.14 28.15 -6.71
C PRO D 97 30.05 26.93 -6.48
N ASN D 98 30.34 26.63 -5.21
CA ASN D 98 31.27 25.54 -4.89
C ASN D 98 30.54 24.19 -4.98
N ASP D 99 29.21 24.22 -4.86
CA ASP D 99 28.42 23.00 -4.82
C ASP D 99 27.12 23.25 -5.61
N PRO D 100 27.16 23.19 -6.95
CA PRO D 100 25.96 23.49 -7.76
C PRO D 100 25.07 22.26 -7.89
N HIS D 101 24.55 21.81 -6.73
CA HIS D 101 23.78 20.58 -6.62
C HIS D 101 22.65 20.79 -5.62
N GLY D 102 21.76 21.74 -5.94
CA GLY D 102 20.77 22.25 -5.02
C GLY D 102 19.33 21.94 -5.39
N SER D 103 19.07 20.88 -6.17
CA SER D 103 17.68 20.43 -6.30
C SER D 103 17.18 19.98 -4.92
N GLU D 104 15.86 20.00 -4.76
CA GLU D 104 15.21 19.49 -3.57
C GLU D 104 14.97 17.99 -3.66
N HIS D 105 14.24 17.55 -4.69
CA HIS D 105 14.13 16.15 -4.96
C HIS D 105 15.44 15.62 -5.51
N THR D 106 15.76 14.38 -5.16
CA THR D 106 16.91 13.70 -5.70
C THR D 106 16.42 12.44 -6.44
N VAL D 107 17.24 11.93 -7.38
CA VAL D 107 16.86 10.75 -8.13
C VAL D 107 17.99 9.76 -7.92
N SER D 108 17.63 8.60 -7.36
CA SER D 108 18.61 7.56 -7.06
C SER D 108 19.80 8.16 -6.30
N GLY D 109 19.48 9.01 -5.31
CA GLY D 109 20.43 9.60 -4.38
C GLY D 109 21.21 10.80 -4.96
N GLN D 110 20.88 11.26 -6.17
N GLN D 110 20.96 11.21 -6.21
CA GLN D 110 21.66 12.30 -6.82
CA GLN D 110 21.73 12.29 -6.83
C GLN D 110 20.85 13.59 -6.85
C GLN D 110 20.90 13.57 -6.88
N HIS D 111 21.50 14.69 -6.45
CA HIS D 111 20.94 16.01 -6.68
C HIS D 111 21.18 16.44 -8.13
N PHE D 112 20.19 17.15 -8.65
CA PHE D 112 20.36 17.98 -9.83
C PHE D 112 20.90 19.35 -9.40
N ALA D 113 21.25 20.20 -10.37
CA ALA D 113 21.85 21.49 -10.07
C ALA D 113 20.83 22.38 -9.35
N ALA D 114 19.57 22.37 -9.79
CA ALA D 114 18.56 23.28 -9.27
C ALA D 114 17.18 22.65 -9.50
N GLU D 115 16.14 23.37 -9.07
CA GLU D 115 14.79 22.84 -9.27
C GLU D 115 13.82 24.01 -9.36
N LEU D 116 12.89 23.90 -10.33
CA LEU D 116 11.82 24.88 -10.51
C LEU D 116 10.54 24.29 -9.93
N HIS D 117 9.80 25.11 -9.18
CA HIS D 117 8.47 24.74 -8.68
C HIS D 117 7.44 25.72 -9.21
N ILE D 118 6.40 25.16 -9.84
CA ILE D 118 5.26 25.97 -10.28
C ILE D 118 4.11 25.61 -9.36
N VAL D 119 3.73 26.54 -8.49
CA VAL D 119 2.79 26.30 -7.41
C VAL D 119 1.38 26.68 -7.87
N HIS D 120 0.44 25.77 -7.63
CA HIS D 120 -0.99 25.96 -7.93
C HIS D 120 -1.80 25.67 -6.68
N TYR D 121 -3.00 26.26 -6.62
CA TYR D 121 -3.92 26.02 -5.51
C TYR D 121 -5.25 25.50 -6.03
N ASN D 122 -5.97 24.81 -5.15
CA ASN D 122 -7.23 24.17 -5.49
C ASN D 122 -8.34 25.23 -5.53
N SER D 123 -8.58 25.76 -6.73
CA SER D 123 -9.53 26.84 -6.91
C SER D 123 -10.98 26.34 -6.96
N ASP D 124 -11.16 25.03 -7.03
CA ASP D 124 -12.51 24.48 -6.90
C ASP D 124 -12.98 24.59 -5.45
N LEU D 125 -12.05 24.56 -4.50
CA LEU D 125 -12.38 24.51 -3.08
C LEU D 125 -12.13 25.85 -2.39
N TYR D 126 -11.08 26.58 -2.81
CA TYR D 126 -10.57 27.69 -2.03
C TYR D 126 -10.46 28.94 -2.86
N PRO D 127 -10.61 30.12 -2.22
CA PRO D 127 -10.62 31.37 -2.99
C PRO D 127 -9.27 31.92 -3.39
N ASP D 128 -8.21 31.43 -2.73
CA ASP D 128 -6.89 31.96 -2.98
C ASP D 128 -5.86 30.97 -2.42
N ALA D 129 -4.59 31.17 -2.81
CA ALA D 129 -3.54 30.23 -2.42
C ALA D 129 -3.25 30.22 -0.92
N SER D 130 -3.28 31.39 -0.29
N SER D 130 -3.24 31.40 -0.30
CA SER D 130 -2.96 31.46 1.14
CA SER D 130 -2.98 31.47 1.13
C SER D 130 -4.03 30.69 1.94
C SER D 130 -4.02 30.62 1.86
N THR D 131 -5.30 30.86 1.57
CA THR D 131 -6.36 30.11 2.24
C THR D 131 -6.23 28.61 2.00
N ALA D 132 -5.86 28.23 0.77
CA ALA D 132 -5.73 26.84 0.40
C ALA D 132 -4.57 26.15 1.13
N SER D 133 -3.55 26.94 1.49
CA SER D 133 -2.25 26.32 1.77
C SER D 133 -2.25 25.39 2.98
N ASN D 134 -3.15 25.63 3.97
CA ASN D 134 -3.18 24.77 5.15
C ASN D 134 -4.42 23.88 5.18
N LYS D 135 -5.04 23.67 4.02
CA LYS D 135 -6.30 22.95 3.98
C LYS D 135 -6.18 21.74 3.05
N SER D 136 -7.08 20.78 3.30
N SER D 136 -7.12 20.81 3.26
CA SER D 136 -7.08 19.52 2.59
CA SER D 136 -7.21 19.58 2.49
C SER D 136 -7.14 19.72 1.07
C SER D 136 -7.10 19.83 0.99
N GLU D 137 -6.22 19.05 0.35
CA GLU D 137 -6.13 19.07 -1.10
C GLU D 137 -5.79 20.49 -1.58
N GLY D 138 -5.14 21.32 -0.76
CA GLY D 138 -5.03 22.71 -1.08
C GLY D 138 -4.14 23.04 -2.28
N LEU D 139 -3.01 22.31 -2.42
CA LEU D 139 -1.97 22.75 -3.35
C LEU D 139 -1.55 21.62 -4.29
N ALA D 140 -1.05 22.02 -5.46
CA ALA D 140 -0.43 21.08 -6.39
C ALA D 140 0.80 21.82 -6.94
N VAL D 141 1.96 21.16 -6.86
CA VAL D 141 3.18 21.78 -7.34
C VAL D 141 3.74 20.92 -8.47
N LEU D 142 4.15 21.58 -9.56
CA LEU D 142 4.93 20.92 -10.61
C LEU D 142 6.40 21.18 -10.35
N ALA D 143 7.22 20.13 -10.38
CA ALA D 143 8.67 20.26 -10.16
C ALA D 143 9.40 19.85 -11.43
N VAL D 144 10.32 20.74 -11.84
CA VAL D 144 11.21 20.49 -12.96
C VAL D 144 12.63 20.43 -12.39
N LEU D 145 13.30 19.29 -12.61
CA LEU D 145 14.70 19.14 -12.23
C LEU D 145 15.57 19.84 -13.27
N ILE D 146 16.60 20.54 -12.80
CA ILE D 146 17.43 21.35 -13.67
C ILE D 146 18.86 20.86 -13.58
N GLU D 147 19.40 20.43 -14.73
N GLU D 147 19.42 20.55 -14.75
CA GLU D 147 20.79 19.96 -14.88
CA GLU D 147 20.77 20.05 -14.89
C GLU D 147 21.65 21.05 -15.51
C GLU D 147 21.65 21.16 -15.46
N MET D 148 22.92 21.14 -15.09
CA MET D 148 23.89 22.00 -15.75
C MET D 148 24.13 21.47 -17.16
N GLY D 149 23.93 22.34 -18.16
CA GLY D 149 24.01 21.93 -19.55
C GLY D 149 24.07 23.14 -20.47
N SER D 150 23.23 23.12 -21.50
CA SER D 150 23.19 24.21 -22.47
C SER D 150 22.45 25.41 -21.90
N PHE D 151 22.83 26.59 -22.40
CA PHE D 151 22.12 27.82 -22.15
C PHE D 151 20.65 27.65 -22.51
N ASN D 152 19.77 28.16 -21.65
CA ASN D 152 18.34 28.02 -21.82
C ASN D 152 17.72 29.40 -21.97
N PRO D 153 17.34 29.81 -23.20
CA PRO D 153 16.80 31.15 -23.40
CA PRO D 153 16.81 31.17 -23.39
C PRO D 153 15.49 31.40 -22.65
N SER D 154 14.71 30.33 -22.44
CA SER D 154 13.42 30.49 -21.77
C SER D 154 13.64 30.79 -20.29
N TYR D 155 14.50 30.02 -19.60
CA TYR D 155 14.78 30.35 -18.20
C TYR D 155 15.46 31.72 -18.10
N ASP D 156 16.21 32.10 -19.13
CA ASP D 156 16.86 33.40 -19.08
C ASP D 156 15.86 34.56 -19.07
N LYS D 157 14.61 34.32 -19.51
CA LYS D 157 13.60 35.37 -19.45
C LYS D 157 13.34 35.74 -18.00
N ILE D 158 13.58 34.82 -17.05
CA ILE D 158 13.54 35.13 -15.63
C ILE D 158 14.91 35.64 -15.19
N PHE D 159 15.98 34.91 -15.52
CA PHE D 159 17.25 35.19 -14.91
C PHE D 159 17.81 36.56 -15.31
N SER D 160 17.41 37.10 -16.47
CA SER D 160 17.92 38.40 -16.87
C SER D 160 17.47 39.52 -15.92
N HIS D 161 16.48 39.27 -15.08
CA HIS D 161 15.95 40.27 -14.16
C HIS D 161 16.54 40.16 -12.76
N LEU D 162 17.43 39.19 -12.50
CA LEU D 162 17.87 38.93 -11.13
C LEU D 162 18.56 40.13 -10.51
N GLN D 163 19.26 40.92 -11.33
CA GLN D 163 20.04 42.01 -10.76
C GLN D 163 19.13 43.15 -10.29
N HIS D 164 17.82 43.08 -10.57
CA HIS D 164 16.86 44.06 -10.10
C HIS D 164 16.05 43.61 -8.89
N VAL D 165 16.31 42.38 -8.41
CA VAL D 165 15.67 41.88 -7.21
C VAL D 165 16.68 41.27 -6.24
N LYS D 166 17.81 41.96 -6.11
CA LYS D 166 18.92 41.44 -5.35
CA LYS D 166 18.92 41.43 -5.35
C LYS D 166 18.59 41.28 -3.87
N TYR D 167 17.78 42.20 -3.29
CA TYR D 167 17.57 42.20 -1.84
C TYR D 167 16.14 41.88 -1.49
N LYS D 168 15.93 41.40 -0.26
CA LYS D 168 14.62 41.03 0.21
C LYS D 168 13.69 42.22 0.02
N GLY D 169 12.51 41.94 -0.51
CA GLY D 169 11.44 42.91 -0.72
C GLY D 169 11.47 43.64 -2.06
N GLN D 170 12.56 43.50 -2.80
CA GLN D 170 12.68 44.15 -4.09
C GLN D 170 11.86 43.38 -5.13
N GLU D 171 11.37 44.13 -6.13
CA GLU D 171 10.43 43.66 -7.15
C GLU D 171 10.85 44.18 -8.53
N ALA D 172 10.51 43.41 -9.56
CA ALA D 172 10.74 43.79 -10.95
C ALA D 172 9.62 43.18 -11.77
N PHE D 173 9.36 43.77 -12.94
CA PHE D 173 8.39 43.16 -13.83
C PHE D 173 9.06 42.36 -14.94
N VAL D 174 8.46 41.21 -15.24
CA VAL D 174 8.93 40.31 -16.27
C VAL D 174 7.82 40.26 -17.33
N PRO D 175 8.11 40.57 -18.61
CA PRO D 175 7.10 40.42 -19.64
C PRO D 175 6.66 38.95 -19.74
N GLY D 176 5.38 38.76 -20.09
CA GLY D 176 4.90 37.39 -20.25
C GLY D 176 5.67 36.58 -21.29
N PHE D 177 5.69 35.28 -21.06
CA PHE D 177 6.21 34.33 -22.04
C PHE D 177 5.48 33.01 -21.78
N ASN D 178 5.72 32.03 -22.66
CA ASN D 178 5.03 30.76 -22.54
C ASN D 178 5.73 29.94 -21.47
N ILE D 179 5.07 29.80 -20.30
CA ILE D 179 5.64 29.09 -19.18
C ILE D 179 5.87 27.62 -19.52
N GLU D 180 5.15 27.10 -20.50
N GLU D 180 5.14 27.08 -20.49
CA GLU D 180 5.37 25.71 -20.87
CA GLU D 180 5.38 25.70 -20.90
C GLU D 180 6.79 25.50 -21.44
C GLU D 180 6.82 25.51 -21.38
N GLU D 181 7.47 26.59 -21.86
CA GLU D 181 8.86 26.50 -22.30
C GLU D 181 9.81 26.14 -21.16
N LEU D 182 9.37 26.26 -19.91
CA LEU D 182 10.20 25.89 -18.77
C LEU D 182 10.09 24.40 -18.48
N LEU D 183 9.11 23.72 -19.08
CA LEU D 183 8.88 22.31 -18.78
C LEU D 183 9.76 21.45 -19.68
N PRO D 184 10.08 20.23 -19.23
CA PRO D 184 10.94 19.32 -19.99
C PRO D 184 10.18 18.55 -21.05
N GLU D 185 10.96 17.72 -21.75
CA GLU D 185 10.42 16.82 -22.73
C GLU D 185 9.54 15.77 -22.04
N ARG D 186 8.49 15.33 -22.77
CA ARG D 186 7.67 14.17 -22.39
C ARG D 186 7.06 14.38 -21.01
N THR D 187 6.34 15.49 -20.89
CA THR D 187 5.70 15.77 -19.61
C THR D 187 4.69 14.70 -19.18
N ALA D 188 4.25 13.83 -20.10
CA ALA D 188 3.38 12.74 -19.70
C ALA D 188 4.08 11.75 -18.76
N GLU D 189 5.43 11.78 -18.71
CA GLU D 189 6.17 10.88 -17.83
CA GLU D 189 6.18 10.89 -17.84
C GLU D 189 6.57 11.66 -16.58
N TYR D 190 6.06 11.22 -15.42
CA TYR D 190 6.23 11.94 -14.19
C TYR D 190 6.09 10.99 -13.01
N TYR D 191 6.60 11.50 -11.89
CA TYR D 191 6.43 10.93 -10.56
C TYR D 191 5.33 11.72 -9.84
N ARG D 192 4.51 11.03 -9.04
CA ARG D 192 3.42 11.69 -8.32
C ARG D 192 3.41 11.17 -6.90
N TYR D 193 3.31 12.07 -5.91
CA TYR D 193 3.18 11.58 -4.53
C TYR D 193 2.52 12.66 -3.70
N ARG D 194 2.06 12.27 -2.51
CA ARG D 194 1.45 13.22 -1.57
C ARG D 194 2.51 13.71 -0.59
N GLY D 195 2.66 15.03 -0.51
CA GLY D 195 3.67 15.59 0.39
C GLY D 195 3.28 16.96 0.89
N SER D 196 4.32 17.79 1.05
CA SER D 196 4.17 19.01 1.82
C SER D 196 4.84 20.17 1.10
N LEU D 197 4.60 21.38 1.62
CA LEU D 197 5.50 22.49 1.33
C LEU D 197 6.90 22.11 1.81
N THR D 198 7.93 22.52 1.06
CA THR D 198 9.30 22.22 1.48
C THR D 198 9.90 23.34 2.31
N THR D 199 9.10 24.35 2.65
CA THR D 199 9.53 25.46 3.46
C THR D 199 8.46 25.63 4.54
N PRO D 200 8.81 26.25 5.69
CA PRO D 200 7.79 26.58 6.68
C PRO D 200 6.61 27.29 6.00
N PRO D 201 5.35 27.00 6.40
CA PRO D 201 5.02 26.12 7.53
C PRO D 201 4.95 24.61 7.25
N CYS D 202 5.42 24.16 6.07
CA CYS D 202 5.58 22.73 5.79
C CYS D 202 4.24 21.98 5.76
N ASN D 203 3.14 22.67 5.40
CA ASN D 203 1.84 22.04 5.50
C ASN D 203 1.79 20.83 4.57
N PRO D 204 1.22 19.68 5.04
CA PRO D 204 1.18 18.46 4.24
C PRO D 204 -0.03 18.46 3.30
N THR D 205 -0.06 19.45 2.39
CA THR D 205 -1.24 19.76 1.59
C THR D 205 -0.89 19.81 0.12
N VAL D 206 0.26 19.25 -0.27
CA VAL D 206 0.73 19.37 -1.64
C VAL D 206 0.68 18.03 -2.36
N LEU D 207 0.02 18.06 -3.53
CA LEU D 207 0.12 16.95 -4.47
C LEU D 207 1.29 17.27 -5.40
N TRP D 208 2.38 16.48 -5.29
CA TRP D 208 3.58 16.73 -6.07
C TRP D 208 3.56 15.98 -7.38
N THR D 209 3.98 16.67 -8.45
CA THR D 209 4.24 16.05 -9.74
C THR D 209 5.67 16.45 -10.09
N VAL D 210 6.58 15.48 -10.15
CA VAL D 210 7.97 15.75 -10.52
C VAL D 210 8.18 15.14 -11.92
N PHE D 211 8.48 15.97 -12.93
CA PHE D 211 8.64 15.38 -14.26
C PHE D 211 9.86 14.44 -14.30
N ARG D 212 9.75 13.40 -15.11
CA ARG D 212 10.84 12.43 -15.19
C ARG D 212 12.11 13.04 -15.77
N ASN D 213 11.94 13.87 -16.80
CA ASN D 213 13.09 14.38 -17.51
C ASN D 213 13.48 15.77 -17.02
N PRO D 214 14.79 16.05 -16.87
CA PRO D 214 15.26 17.38 -16.49
C PRO D 214 15.28 18.32 -17.69
N VAL D 215 15.41 19.61 -17.40
CA VAL D 215 15.84 20.60 -18.38
C VAL D 215 17.29 20.95 -18.09
N GLN D 216 17.90 21.71 -18.99
CA GLN D 216 19.26 22.21 -18.81
C GLN D 216 19.26 23.73 -18.76
N ILE D 217 20.14 24.29 -17.90
CA ILE D 217 20.55 25.70 -17.96
C ILE D 217 22.08 25.68 -17.91
N SER D 218 22.72 26.79 -18.33
CA SER D 218 24.16 26.73 -18.42
C SER D 218 24.83 26.95 -17.07
N GLN D 219 26.14 26.64 -17.02
CA GLN D 219 26.92 26.97 -15.85
C GLN D 219 26.85 28.46 -15.55
N GLU D 220 26.87 29.30 -16.60
CA GLU D 220 26.86 30.74 -16.38
C GLU D 220 25.52 31.19 -15.80
N GLN D 221 24.41 30.57 -16.27
CA GLN D 221 23.09 30.88 -15.72
C GLN D 221 23.02 30.46 -14.25
N LEU D 222 23.55 29.26 -13.95
CA LEU D 222 23.54 28.77 -12.58
C LEU D 222 24.37 29.70 -11.70
N LEU D 223 25.55 30.13 -12.18
CA LEU D 223 26.42 30.96 -11.35
C LEU D 223 25.70 32.29 -11.09
N ALA D 224 25.02 32.84 -12.10
CA ALA D 224 24.27 34.08 -11.91
C ALA D 224 23.19 33.89 -10.85
N LEU D 225 22.45 32.78 -10.94
CA LEU D 225 21.40 32.54 -9.97
C LEU D 225 21.99 32.39 -8.55
N GLU D 226 23.14 31.71 -8.45
CA GLU D 226 23.79 31.39 -7.17
C GLU D 226 24.45 32.61 -6.53
N THR D 227 24.67 33.69 -7.28
CA THR D 227 25.44 34.83 -6.78
C THR D 227 24.66 36.13 -6.84
N ALA D 228 23.45 36.14 -7.41
CA ALA D 228 22.76 37.40 -7.66
C ALA D 228 22.07 37.92 -6.40
N LEU D 229 21.64 37.03 -5.51
CA LEU D 229 20.61 37.40 -4.54
C LEU D 229 21.06 37.28 -3.09
N TYR D 230 20.41 38.10 -2.26
CA TYR D 230 20.57 38.10 -0.81
C TYR D 230 19.22 37.81 -0.15
N CYS D 231 19.29 37.12 0.98
CA CYS D 231 18.12 36.84 1.80
C CYS D 231 17.68 38.06 2.60
N THR D 232 18.60 39.00 2.79
CA THR D 232 18.42 40.13 3.71
C THR D 232 17.98 41.38 2.96
N HIS D 233 17.40 42.30 3.73
CA HIS D 233 17.08 43.60 3.19
C HIS D 233 18.37 44.33 2.86
N MET D 234 18.26 45.28 1.94
CA MET D 234 19.43 46.01 1.48
CA MET D 234 19.40 46.06 1.47
C MET D 234 20.20 46.68 2.61
N ASP D 235 19.51 47.16 3.66
CA ASP D 235 20.12 47.93 4.73
C ASP D 235 20.56 47.06 5.92
N ASP D 236 20.45 45.73 5.82
CA ASP D 236 20.83 44.87 6.93
C ASP D 236 22.33 44.93 7.13
N PRO D 237 22.81 45.18 8.37
CA PRO D 237 24.24 45.19 8.66
C PRO D 237 24.87 43.79 8.66
N SER D 238 24.02 42.74 8.57
CA SER D 238 24.49 41.36 8.55
C SER D 238 23.95 40.68 7.31
N PRO D 239 24.47 40.99 6.11
CA PRO D 239 23.93 40.40 4.89
C PRO D 239 24.11 38.88 4.85
N ARG D 240 23.14 38.22 4.23
CA ARG D 240 23.24 36.78 4.02
C ARG D 240 22.94 36.49 2.55
N GLU D 241 23.90 35.89 1.84
N GLU D 241 23.85 35.74 1.90
CA GLU D 241 23.63 35.48 0.47
CA GLU D 241 23.72 35.34 0.50
C GLU D 241 22.51 34.44 0.45
C GLU D 241 22.63 34.29 0.36
N MET D 242 21.79 34.44 -0.68
CA MET D 242 20.75 33.45 -0.89
C MET D 242 21.30 32.30 -1.71
N ILE D 243 21.78 31.30 -0.96
CA ILE D 243 22.41 30.11 -1.48
C ILE D 243 21.89 28.92 -0.71
N ASN D 244 22.00 27.75 -1.33
CA ASN D 244 21.69 26.49 -0.67
C ASN D 244 20.28 26.51 -0.07
N ASN D 245 19.32 27.02 -0.85
CA ASN D 245 17.98 27.18 -0.34
C ASN D 245 17.13 25.97 -0.73
N PHE D 246 17.61 24.79 -0.37
CA PHE D 246 16.91 23.53 -0.58
C PHE D 246 16.87 22.81 0.76
N ARG D 247 15.79 22.06 0.98
CA ARG D 247 15.63 21.21 2.14
C ARG D 247 16.22 19.82 1.84
N GLN D 248 16.84 19.19 2.86
CA GLN D 248 17.24 17.80 2.74
C GLN D 248 16.02 16.90 2.49
N VAL D 249 16.26 15.75 1.85
CA VAL D 249 15.17 14.79 1.65
C VAL D 249 14.68 14.23 2.98
N GLN D 250 13.42 13.80 2.97
CA GLN D 250 12.69 13.39 4.17
C GLN D 250 12.43 11.89 4.17
N LYS D 251 12.15 11.36 5.34
CA LYS D 251 11.66 9.98 5.48
C LYS D 251 10.38 9.77 4.65
N PHE D 252 10.26 8.54 4.13
N PHE D 252 10.24 8.59 4.07
CA PHE D 252 9.12 8.10 3.31
CA PHE D 252 9.03 8.30 3.32
C PHE D 252 7.81 7.89 4.08
C PHE D 252 7.74 8.13 4.14
N ASP D 253 7.82 7.70 5.42
CA ASP D 253 6.60 7.51 6.20
C ASP D 253 5.60 6.58 5.49
N GLU D 254 6.10 5.47 4.90
CA GLU D 254 5.30 4.41 4.27
C GLU D 254 4.70 4.83 2.92
N ARG D 255 4.96 6.06 2.45
CA ARG D 255 4.51 6.45 1.14
C ARG D 255 5.20 5.68 0.01
N LEU D 256 4.45 5.46 -1.08
CA LEU D 256 5.03 5.14 -2.39
C LEU D 256 4.99 6.38 -3.27
N VAL D 257 5.81 6.32 -4.29
CA VAL D 257 5.76 7.32 -5.35
C VAL D 257 5.24 6.62 -6.60
N TYR D 258 4.18 7.16 -7.17
CA TYR D 258 3.52 6.55 -8.29
C TYR D 258 4.07 7.15 -9.58
N THR D 259 4.25 6.32 -10.60
CA THR D 259 4.84 6.79 -11.84
C THR D 259 3.87 6.57 -12.99
N SER D 260 3.95 7.46 -13.99
CA SER D 260 3.15 7.32 -15.18
C SER D 260 3.89 6.52 -16.26
N PHE D 261 5.07 6.00 -15.94
CA PHE D 261 5.93 5.25 -16.84
C PHE D 261 6.42 3.99 -16.14
N SER D 262 6.83 2.97 -16.91
CA SER D 262 7.49 1.79 -16.35
C SER D 262 9.00 1.81 -16.63
N GLN D 263 9.36 2.23 -17.85
CA GLN D 263 10.80 2.29 -18.26
C GLN D 263 10.97 3.41 -19.29
ZN ZN E . -11.23 -22.55 7.99
C1 EDO F . -7.18 -27.01 21.36
O1 EDO F . -6.75 -28.25 20.81
C2 EDO F . -6.18 -26.26 22.18
O2 EDO F . -5.39 -25.29 21.48
C1 EDO G . -11.47 -14.65 20.09
O1 EDO G . -12.68 -15.30 19.71
C2 EDO G . -11.04 -13.59 19.15
O2 EDO G . -10.98 -14.07 17.81
C1 EDO H . 13.13 -20.35 -1.48
O1 EDO H . 13.59 -21.67 -1.22
C2 EDO H . 12.11 -20.23 -2.54
O2 EDO H . 11.25 -19.12 -2.39
S DMS I . 7.06 -11.63 2.13
O DMS I . 7.72 -11.69 3.47
C1 DMS I . 6.23 -10.07 2.02
C2 DMS I . 5.63 -12.65 2.24
C10 A1H91 J . -13.06 -21.36 13.43
C13 A1H91 J . -16.49 -20.29 15.98
C12 A1H91 J . -15.38 -20.40 14.93
C14 A1H91 J . -16.20 -20.65 17.43
O34 A1H91 J . -10.34 -18.84 9.75
S31 A1H91 J . -10.44 -20.28 9.82
O32 A1H91 J . -9.28 -21.12 9.77
N33 A1H91 J . -11.31 -20.74 8.47
C30 A1H91 J . -11.45 -20.70 11.18
C2 A1H91 J . -12.73 -21.13 11.00
F1 A1H91 J . -13.25 -21.26 9.79
C28 A1H91 J . -10.96 -20.59 12.47
F29 A1H91 J . -9.70 -20.16 12.58
C18 A1H91 J . -11.71 -20.89 13.65
S11 A1H91 J . -14.22 -21.78 14.80
O16 A1H91 J . -14.96 -22.95 14.44
O17 A1H91 J . -13.43 -21.81 16.01
O15 A1H91 J . -17.36 -20.50 18.23
C3 A1H91 J . -13.55 -21.46 12.11
N4 A1H91 J . -14.85 -21.91 11.83
C5 A1H91 J . -14.81 -23.33 11.42
C6 A1H91 J . -15.12 -23.42 9.95
C7 A1H91 J . -16.60 -23.20 9.71
C8 A1H91 J . -16.92 -23.80 8.37
O9 A1H91 J . -16.01 -24.84 8.05
N19 A1H91 J . -11.05 -20.72 14.90
C20 A1H91 J . -10.14 -19.50 15.05
C27 A1H91 J . -10.99 -18.27 15.39
C26 A1H91 J . -11.94 -18.10 16.56
C25 A1H91 J . -11.58 -18.21 18.04
C24 A1H91 J . -10.62 -19.23 18.64
C23 A1H91 J . -9.11 -19.24 18.43
C22 A1H91 J . -8.40 -19.09 17.08
C21 A1H91 J . -8.84 -19.82 15.82
ZN ZN K . -26.28 -2.11 -11.68
C1 EDO L . -40.17 -14.81 -21.50
O1 EDO L . -39.83 -15.52 -20.32
C2 EDO L . -39.02 -14.13 -22.15
O2 EDO L . -37.84 -13.88 -21.36
C1 EDO M . -19.31 -2.61 -32.36
O1 EDO M . -18.58 -1.59 -31.73
C2 EDO M . -20.49 -3.09 -31.59
O2 EDO M . -21.41 -2.07 -31.27
C1 EDO N . -21.64 20.76 -3.21
O1 EDO N . -23.05 20.71 -3.05
C2 EDO N . -21.18 21.01 -4.61
O2 EDO N . -19.81 20.85 -4.91
C1 EDO O . -13.95 8.44 -23.87
O1 EDO O . -13.94 7.15 -24.46
C2 EDO O . -13.74 9.63 -24.74
O2 EDO O . -14.89 9.87 -25.57
C1 EDO P . -34.03 3.70 7.61
O1 EDO P . -35.33 3.89 8.11
C2 EDO P . -33.52 4.98 7.03
O2 EDO P . -34.22 6.17 7.56
C10 A1H91 Q . -29.58 1.89 -9.04
C13 A1H91 Q . -29.35 3.42 -5.71
C12 A1H91 Q . -30.28 3.88 -6.86
C14 A1H91 Q . -28.08 4.20 -5.39
O34 A1H91 Q . -29.23 -3.32 -8.96
S31 A1H91 Q . -28.82 -2.51 -10.07
O32 A1H91 Q . -29.27 -2.73 -11.42
N33 A1H91 Q . -27.15 -2.75 -10.16
C30 A1H91 Q . -29.07 -0.84 -9.66
C2 A1H91 Q . -28.05 -0.05 -9.22
F1 A1H91 Q . -26.82 -0.53 -9.09
C28 A1H91 Q . -30.35 -0.30 -9.80
F29 A1H91 Q . -31.30 -1.14 -10.24
C18 A1H91 Q . -30.66 1.05 -9.50
S11 A1H91 Q . -29.86 3.67 -8.61
O16 A1H91 Q . -28.65 4.40 -8.88
O17 A1H91 Q . -31.06 4.05 -9.33
O15 A1H91 Q . -27.18 4.22 -6.49
C3 A1H91 Q . -28.27 1.32 -8.90
N4 A1H91 Q . -27.15 2.05 -8.47
C5 A1H91 Q . -26.20 2.39 -9.55
C6 A1H91 Q . -25.04 1.41 -9.52
C7 A1H91 Q . -23.97 1.90 -8.54
C8 A1H91 Q . -22.61 1.30 -8.86
O9 A1H91 Q . -22.34 1.25 -10.25
N19 A1H91 Q . -32.00 1.50 -9.68
C20 A1H91 Q . -33.20 0.95 -8.90
C27 A1H91 Q . -33.01 1.30 -7.42
C26 A1H91 Q . -34.07 1.52 -6.35
C25 A1H91 Q . -35.23 2.53 -6.33
C24 A1H91 Q . -35.45 3.65 -7.32
C23 A1H91 Q . -35.87 3.40 -8.77
C22 A1H91 Q . -35.00 2.70 -9.81
C21 A1H91 Q . -34.52 1.26 -9.64
ZN ZN R . 24.55 4.72 15.61
C1 EDO S . 45.23 8.97 13.22
O1 EDO S . 44.38 10.08 13.47
C2 EDO S . 44.55 7.68 13.46
O2 EDO S . 43.26 7.65 12.89
C1 EDO T . 27.97 0.40 29.19
O1 EDO T . 28.74 -0.68 28.72
C2 EDO T . 28.93 1.28 29.97
O2 EDO T . 30.01 1.90 29.25
C1 EDO U . 48.95 6.77 6.59
O1 EDO U . 49.34 5.47 6.96
C2 EDO U . 49.89 7.40 5.63
O2 EDO U . 51.17 7.59 6.16
C10 A1H91 V . 22.95 5.52 20.98
C13 A1H91 V . 20.09 7.00 23.39
C12 A1H91 V . 20.34 5.63 22.74
C14 A1H91 V . 21.17 8.08 23.31
O34 A1H91 V . 25.30 8.44 17.39
S31 A1H91 V . 25.43 7.01 17.42
O32 A1H91 V . 26.70 6.33 17.39
N33 A1H91 V . 24.64 6.51 16.03
C30 A1H91 V . 24.48 6.42 18.75
C2 A1H91 V . 23.30 5.74 18.56
F1 A1H91 V . 22.88 5.47 17.33
C28 A1H91 V . 24.90 6.69 20.06
F29 A1H91 V . 26.04 7.38 20.19
C18 A1H91 V . 24.18 6.26 21.22
S11 A1H91 V . 21.95 4.86 22.40
O16 A1H91 V . 21.66 3.50 22.04
O17 A1H91 V . 22.75 5.08 23.59
O15 A1H91 V . 21.52 8.35 21.96
C3 A1H91 V . 22.54 5.27 19.65
N4 A1H91 V . 21.37 4.52 19.36
C5 A1H91 V . 20.04 5.14 19.40
C6 A1H91 V . 19.26 4.35 18.37
C7 A1H91 V . 20.17 4.13 17.19
C8 A1H91 V . 19.49 3.29 16.13
O9 A1H91 V . 18.15 3.62 16.01
N19 A1H91 V . 24.73 6.56 22.50
C20 A1H91 V . 25.51 7.82 22.86
C27 A1H91 V . 24.76 8.62 23.94
C26 A1H91 V . 24.16 8.03 25.22
C25 A1H91 V . 24.81 7.30 26.39
C24 A1H91 V . 26.24 6.80 26.51
C23 A1H91 V . 27.04 6.22 25.36
C22 A1H91 V . 27.73 7.03 24.28
C21 A1H91 V . 27.02 7.56 23.02
ZN ZN W . 9.80 25.21 -3.86
C1 EDO X . -3.91 11.69 -12.81
O1 EDO X . -4.12 12.16 -11.49
C2 EDO X . -3.37 12.74 -13.71
O2 EDO X . -2.20 13.36 -13.25
C1 EDO Y . 6.47 31.57 15.43
O1 EDO Y . 5.60 32.12 16.41
C2 EDO Y . 5.91 31.41 14.06
O2 EDO Y . 5.59 32.64 13.45
C1 EDO Z . -0.39 27.85 8.27
O1 EDO Z . -0.01 26.60 8.82
C2 EDO Z . -0.71 28.90 9.26
O2 EDO Z . -1.53 29.94 8.76
C1 EDO AA . 21.52 35.78 -16.57
O1 EDO AA . 21.89 34.45 -16.99
C2 EDO AA . 21.75 36.91 -17.52
O2 EDO AA . 20.66 37.15 -18.41
C1 EDO BA . -10.25 30.57 -6.31
O1 EDO BA . -11.51 30.00 -6.57
C2 EDO BA . -10.16 31.67 -7.31
O2 EDO BA . -9.45 31.32 -8.48
S DMS CA . 14.69 48.05 3.69
O DMS CA . 16.15 47.87 3.33
C1 DMS CA . 14.45 47.21 5.24
C2 DMS CA . 13.76 46.95 2.65
C10 A1H91 DA . 7.07 29.31 -1.21
C13 A1H91 DA . 8.02 30.94 1.92
C12 A1H91 DA . 6.88 31.31 0.97
C14 A1H91 DA . 8.01 31.65 3.27
O34 A1H91 DA . 6.79 24.07 -1.06
S31 A1H91 DA . 7.27 24.87 -2.14
O32 A1H91 DA . 6.72 24.81 -3.47
N33 A1H91 DA . 8.87 24.45 -2.35
C30 A1H91 DA . 7.24 26.55 -1.75
C2 A1H91 DA . 8.34 27.20 -1.30
F1 A1H91 DA . 9.52 26.62 -1.10
C28 A1H91 DA . 6.04 27.24 -1.95
F29 A1H91 DA . 4.99 26.57 -2.41
C18 A1H91 DA . 5.89 28.63 -1.70
S11 A1H91 DA . 7.14 31.09 -0.79
O16 A1H91 DA . 8.49 31.52 -1.01
O17 A1H91 DA . 6.09 31.78 -1.48
O15 A1H91 DA . 6.85 31.31 4.01
C3 A1H91 DA . 8.26 28.57 -1.01
N4 A1H91 DA . 9.45 29.14 -0.55
C5 A1H91 DA . 10.47 29.17 -1.60
C6 A1H91 DA . 11.61 29.90 -0.93
C7 A1H91 DA . 12.61 28.93 -0.36
C8 A1H91 DA . 13.74 28.59 -1.30
O9 A1H91 DA . 13.32 28.44 -2.64
N19 A1H91 DA . 4.58 29.18 -1.93
C20 A1H91 DA . 3.47 28.63 -1.05
C27 A1H91 DA . 3.68 29.24 0.34
C26 A1H91 DA . 2.71 29.30 1.52
C25 A1H91 DA . 1.34 29.95 1.57
C24 A1H91 DA . 0.76 30.85 0.51
C23 A1H91 DA . 0.34 30.34 -0.85
C22 A1H91 DA . 1.29 29.82 -1.93
C21 A1H91 DA . 2.10 28.57 -1.72
#